data_8SBJ
#
_entry.id   8SBJ
#
_cell.length_a   100.022
_cell.length_b   107.750
_cell.length_c   133.868
_cell.angle_alpha   90.00
_cell.angle_beta   90.00
_cell.angle_gamma   90.00
#
_symmetry.space_group_name_H-M   'P 21 21 21'
#
loop_
_entity.id
_entity.type
_entity.pdbx_description
1 polymer 'Phosphatidylinositol 4,5-bisphosphate 3-kinase catalytic subunit alpha isoform'
2 polymer 'Phosphatidylinositol 3-kinase regulatory subunit alpha'
3 non-polymer (2M)-7-[(3R)-3-methylmorpholin-4-yl]-5-[(3S)-3-methylmorpholin-4-yl]-2-(1H-pyrazol-3-yl)-3H-imidazo[4,5-b]pyridine
4 water water
#
loop_
_entity_poly.entity_id
_entity_poly.type
_entity_poly.pdbx_seq_one_letter_code
_entity_poly.pdbx_strand_id
1 'polypeptide(L)'
;MPPRPSSGELWGIHLMPPRILVECLLPNGMIVTLECLREATLITIKHELFKEARKYPLHQLLQDESSYIFVSVTQEAERE
EFFDETRRLCDLRLFQPFLKVIEPVGNREEKILNREIGFAIGMPVCEFDMVKDPEVQDFRRNILNVCKEAVDLRDLNSPH
SRAMYVYPPNVESSPELPKHIYNKLDKGQIIVVIWVIVSPNNDKQKYTLKINHDCVPEQVIAEAIRKKTRSKKLSSEQLK
LCVLEYQGKYILKVCGCDEYFLEKYPLSQYKYIRSCIMLGRMPNLMLMAKESLYSQLPMDCFTMPSYSRRISTATPYMNG
ETSTKSLWVINSALRIKILCATYVNVNIRDIDKIYVRTGIYHGGEPLCDNVNTQRVPCSNPRWNEWLNYDIYIPDLPRAA
RLCLSICSVKGRKGAKEEHCPLAWGNINLFDYTDTLVSGKMALNLWPVPHGLEDLLNPIGVTGSNPNKETPCLELEFDWF
SSVVKFPDMSVIEEHANWSVSREAGFSYSHAGLSNRLARDNELRENDKEQLKAISTRDPLSEITEQEKDFLWSHRHYCVT
IPEILPKLLLSVKWNSRDEVAQMYCLVKDWPPIKPEQAMELLDCNYPDPMVRGFAVRCLEKYLTDDKLSQYLIQLVQVLK
YEQYLDNLLVRFLLKKALTNQRIGHFFFWHLKSEMHNKTVSQRFGLLLESYCRACGMYLKHLNRQVEAMEKLINLTDILK
QEKKDETQKVQMKFLVEQMRRPDFMDALQGFLSPLNPAHQLGNLRLEECRIMSSAKRPLKLNWENPDIMSELLFQNNEIM
FKNGDDLRQDMLTLQIIRIMENIWQNQGLDLRMLPYGCLSIGDCVGLIEWVRNSHTIMQIQCKGGLKGALQFNSHTLHQW
LKDKNKGEIYDAAIDLFTRSCAGYCVATFILGIGDRHNSNIMVKDDGQLVHIDFGHFLDHKKKKFGYKRERVPFVLTQDF
LIVISKGAQECTKTREFERFQEMCYKAYLAIRQHANLFINLFSMMLGSGMPELQSFDDIAYIRKTLALDKTEQEALEYFM
KQMNDAHHGGWTTKMDWIFHTIKQHALNHHHHHH
;
A
2 'polypeptide(L)'
;MHNLQYLPPKPPKPTTVANNGMNNNMSLQDAEWYWGDISREEVNEKLRDTADGTFLVRDASTKMHGDYTLTLRKGGNNKL
IKIFHRDGKYGFSDPLTFSSVVELINHYRNESLAQYNPKLDVKLLYPVSKYQQDQVVKEDNIEAVGKKLHEYNTQFQEKS
REYDRLYEEYTRTSQEIQMKRTAIEAFNETIKIFEEQCQTQERYSKEYIEKFKREGNEKEIQRIMHNYDKLKSRISEIID
SRRRLEEDLKKQAAEYREIDKRMNSIKPDLIQLRKTRDQYLMWLTQKGVRQKK
;
B
#
# COMPACT_ATOMS: atom_id res chain seq x y z
N PRO A 2 12.45 6.09 18.02
CA PRO A 2 11.88 6.17 16.68
C PRO A 2 12.68 5.37 15.66
N PRO A 3 12.14 5.18 14.46
CA PRO A 3 12.90 4.49 13.41
C PRO A 3 14.22 5.18 13.12
N ARG A 4 15.13 4.44 12.48
CA ARG A 4 16.45 4.96 12.20
C ARG A 4 16.38 6.13 11.22
N PRO A 5 17.17 7.18 11.43
CA PRO A 5 17.24 8.25 10.44
C PRO A 5 17.85 7.77 9.12
N SER A 6 19.09 7.31 9.18
CA SER A 6 19.78 6.75 8.03
C SER A 6 20.16 5.30 8.33
N SER A 7 20.89 4.69 7.39
CA SER A 7 21.37 3.32 7.55
C SER A 7 22.88 3.27 7.78
N GLY A 8 23.48 4.38 8.20
CA GLY A 8 24.91 4.40 8.39
C GLY A 8 25.32 3.74 9.69
N GLU A 9 26.63 3.50 9.81
CA GLU A 9 27.17 2.85 10.99
C GLU A 9 27.23 3.79 12.19
N LEU A 10 27.14 5.09 11.95
CA LEU A 10 27.04 6.07 13.03
C LEU A 10 26.23 7.26 12.51
N TRP A 11 25.68 8.03 13.44
CA TRP A 11 24.90 9.20 13.07
C TRP A 11 25.78 10.20 12.34
N GLY A 12 25.41 10.53 11.10
CA GLY A 12 26.18 11.45 10.29
C GLY A 12 27.34 10.83 9.53
N ILE A 13 27.58 9.53 9.71
CA ILE A 13 28.65 8.82 9.02
C ILE A 13 28.06 7.57 8.38
N HIS A 14 28.35 7.39 7.09
CA HIS A 14 27.86 6.19 6.40
C HIS A 14 28.76 4.99 6.62
N LEU A 15 30.06 5.21 6.88
CA LEU A 15 31.00 4.11 7.08
C LEU A 15 32.02 4.49 8.14
N MET A 16 32.19 3.63 9.12
CA MET A 16 33.28 3.79 10.07
C MET A 16 34.61 3.64 9.33
N PRO A 17 35.63 4.40 9.70
CA PRO A 17 36.98 4.12 9.21
C PRO A 17 37.43 2.76 9.66
N PRO A 18 38.52 2.23 9.09
CA PRO A 18 39.02 0.92 9.57
C PRO A 18 39.21 0.88 11.08
N ARG A 19 39.72 1.97 11.66
N ARG A 19 39.73 1.97 11.66
CA ARG A 19 39.87 2.08 13.10
CA ARG A 19 39.87 2.08 13.10
C ARG A 19 39.20 3.36 13.57
C ARG A 19 39.20 3.36 13.57
N ILE A 20 38.65 3.30 14.78
CA ILE A 20 37.90 4.43 15.34
C ILE A 20 38.05 4.43 16.85
N LEU A 21 37.95 5.60 17.45
CA LEU A 21 38.05 5.75 18.90
C LEU A 21 36.69 5.57 19.55
N VAL A 22 36.67 4.84 20.66
CA VAL A 22 35.43 4.46 21.34
C VAL A 22 35.58 4.75 22.82
N GLU A 23 34.73 5.62 23.35
CA GLU A 23 34.71 5.93 24.78
C GLU A 23 34.02 4.80 25.53
N CYS A 24 34.71 4.21 26.50
CA CYS A 24 34.18 3.10 27.28
C CYS A 24 33.95 3.56 28.71
N LEU A 25 32.69 3.50 29.14
CA LEU A 25 32.31 3.94 30.48
C LEU A 25 32.34 2.73 31.41
N LEU A 26 33.42 2.60 32.18
CA LEU A 26 33.56 1.50 33.11
C LEU A 26 32.61 1.68 34.29
N PRO A 27 32.27 0.59 34.98
CA PRO A 27 31.31 0.70 36.10
C PRO A 27 31.87 1.43 37.30
N ASN A 28 33.16 1.76 37.32
CA ASN A 28 33.79 2.48 38.42
C ASN A 28 33.87 3.98 38.18
N GLY A 29 33.07 4.49 37.24
CA GLY A 29 33.12 5.90 36.89
C GLY A 29 34.24 6.28 35.95
N MET A 30 35.19 5.39 35.69
CA MET A 30 36.28 5.71 34.78
C MET A 30 35.80 5.69 33.34
N ILE A 31 36.42 6.53 32.51
CA ILE A 31 36.17 6.57 31.08
C ILE A 31 37.48 6.26 30.38
N VAL A 32 37.47 5.23 29.54
CA VAL A 32 38.67 4.74 28.86
C VAL A 32 38.45 4.85 27.35
N THR A 33 39.32 5.61 26.68
CA THR A 33 39.27 5.75 25.23
C THR A 33 40.06 4.61 24.60
N LEU A 34 39.41 3.87 23.71
CA LEU A 34 40.00 2.68 23.11
C LEU A 34 39.84 2.74 21.60
N GLU A 35 40.89 2.34 20.88
CA GLU A 35 40.88 2.30 19.43
C GLU A 35 40.53 0.88 18.98
N CYS A 36 39.48 0.76 18.17
CA CYS A 36 38.99 -0.54 17.74
C CYS A 36 38.88 -0.59 16.23
N LEU A 37 39.07 -1.78 15.69
CA LEU A 37 38.75 -2.03 14.29
C LEU A 37 37.24 -1.96 14.10
N ARG A 38 36.80 -1.31 13.03
CA ARG A 38 35.37 -1.19 12.77
C ARG A 38 34.68 -2.54 12.80
N GLU A 39 35.36 -3.59 12.35
CA GLU A 39 34.78 -4.93 12.28
C GLU A 39 34.99 -5.74 13.55
N ALA A 40 35.46 -5.12 14.63
CA ALA A 40 35.75 -5.86 15.85
C ALA A 40 34.47 -6.29 16.55
N THR A 41 34.53 -7.45 17.19
CA THR A 41 33.40 -7.98 17.95
C THR A 41 33.45 -7.49 19.39
N LEU A 42 32.28 -7.48 20.03
CA LEU A 42 32.19 -6.97 21.39
C LEU A 42 32.96 -7.83 22.37
N ILE A 43 32.92 -9.16 22.20
CA ILE A 43 33.65 -10.05 23.10
C ILE A 43 35.13 -9.71 23.07
N THR A 44 35.65 -9.34 21.90
CA THR A 44 37.04 -8.91 21.80
C THR A 44 37.24 -7.55 22.47
N ILE A 45 36.47 -6.54 22.04
CA ILE A 45 36.59 -5.20 22.61
C ILE A 45 36.47 -5.27 24.13
N LYS A 46 35.49 -6.01 24.63
CA LYS A 46 35.35 -6.17 26.08
C LYS A 46 36.63 -6.72 26.69
N HIS A 47 37.33 -7.61 25.97
CA HIS A 47 38.58 -8.15 26.47
C HIS A 47 39.67 -7.08 26.54
N GLU A 48 39.98 -6.46 25.39
CA GLU A 48 41.00 -5.42 25.37
C GLU A 48 40.67 -4.30 26.35
N LEU A 49 39.40 -3.94 26.45
CA LEU A 49 39.00 -2.88 27.39
C LEU A 49 39.40 -3.24 28.81
N PHE A 50 39.09 -4.46 29.24
CA PHE A 50 39.42 -4.88 30.60
C PHE A 50 40.89 -5.21 30.77
N LYS A 51 41.66 -5.30 29.69
CA LYS A 51 43.12 -5.31 29.81
C LYS A 51 43.63 -3.89 30.03
N GLU A 52 43.06 -2.91 29.31
CA GLU A 52 43.48 -1.53 29.45
C GLU A 52 43.04 -0.94 30.78
N ALA A 53 41.93 -1.44 31.35
CA ALA A 53 41.37 -0.84 32.56
C ALA A 53 42.35 -0.89 33.72
N ARG A 54 43.17 -1.93 33.80
CA ARG A 54 44.13 -2.05 34.89
C ARG A 54 45.05 -0.85 34.99
N LYS A 55 45.24 -0.11 33.89
CA LYS A 55 46.07 1.07 33.86
C LYS A 55 45.38 2.31 34.39
N TYR A 56 44.19 2.18 34.96
CA TYR A 56 43.41 3.30 35.46
C TYR A 56 43.06 3.12 36.93
N PRO A 57 42.72 4.21 37.62
CA PRO A 57 42.39 4.10 39.04
C PRO A 57 41.16 3.22 39.29
N LEU A 58 41.00 2.82 40.54
CA LEU A 58 39.87 2.02 41.01
C LEU A 58 39.72 0.70 40.25
N HIS A 59 40.75 0.30 39.50
CA HIS A 59 40.71 -0.97 38.77
C HIS A 59 40.44 -2.16 39.66
N GLN A 60 40.56 -2.00 40.99
CA GLN A 60 40.43 -3.15 41.88
C GLN A 60 38.98 -3.61 42.00
N LEU A 61 38.04 -2.66 41.99
CA LEU A 61 36.63 -2.99 42.17
C LEU A 61 35.94 -3.43 40.89
N LEU A 62 36.68 -3.59 39.79
CA LEU A 62 36.11 -4.11 38.56
C LEU A 62 36.03 -5.63 38.65
N GLN A 63 34.82 -6.16 38.45
CA GLN A 63 34.62 -7.60 38.49
C GLN A 63 35.25 -8.24 37.24
N ASP A 64 35.07 -9.57 37.12
CA ASP A 64 35.55 -10.26 35.94
C ASP A 64 34.85 -9.74 34.69
N GLU A 65 35.58 -9.73 33.57
CA GLU A 65 35.01 -9.20 32.34
C GLU A 65 33.82 -10.01 31.88
N SER A 66 33.80 -11.32 32.18
CA SER A 66 32.65 -12.15 31.85
C SER A 66 31.39 -11.75 32.61
N SER A 67 31.53 -10.92 33.66
CA SER A 67 30.40 -10.50 34.47
C SER A 67 29.74 -9.22 33.97
N TYR A 68 30.14 -8.73 32.80
CA TYR A 68 29.62 -7.48 32.26
C TYR A 68 29.20 -7.67 30.81
N ILE A 69 28.37 -6.73 30.33
CA ILE A 69 28.04 -6.61 28.91
C ILE A 69 28.04 -5.12 28.58
N PHE A 70 27.96 -4.83 27.29
CA PHE A 70 27.94 -3.46 26.81
C PHE A 70 26.51 -2.95 26.63
N VAL A 71 26.35 -1.64 26.81
CA VAL A 71 25.12 -0.94 26.47
C VAL A 71 25.52 0.38 25.84
N SER A 72 24.64 0.90 24.99
CA SER A 72 24.91 2.18 24.32
C SER A 72 23.58 2.71 23.77
N VAL A 73 23.65 3.90 23.18
CA VAL A 73 22.50 4.53 22.56
C VAL A 73 22.55 4.27 21.06
N THR A 74 21.51 3.65 20.53
CA THR A 74 21.44 3.35 19.12
C THR A 74 20.85 4.54 18.34
N GLN A 75 20.93 4.46 17.01
CA GLN A 75 20.41 5.54 16.18
C GLN A 75 18.90 5.67 16.31
N GLU A 76 18.24 4.76 17.01
CA GLU A 76 16.81 4.86 17.30
C GLU A 76 16.53 5.49 18.65
N ALA A 77 17.54 6.08 19.28
CA ALA A 77 17.43 6.70 20.60
C ALA A 77 17.13 5.68 21.70
N GLU A 78 17.35 4.40 21.42
CA GLU A 78 17.11 3.33 22.39
C GLU A 78 18.40 2.96 23.09
N ARG A 79 18.31 2.74 24.40
CA ARG A 79 19.45 2.30 25.20
C ARG A 79 19.47 0.77 25.15
N GLU A 80 20.22 0.22 24.21
CA GLU A 80 20.23 -1.21 23.96
C GLU A 80 21.34 -1.91 24.75
N GLU A 81 21.02 -3.09 25.27
CA GLU A 81 21.98 -3.98 25.90
C GLU A 81 22.43 -5.01 24.88
N PHE A 82 23.74 -5.17 24.71
CA PHE A 82 24.29 -6.06 23.69
C PHE A 82 24.62 -7.40 24.34
N PHE A 83 23.59 -8.25 24.44
CA PHE A 83 23.77 -9.59 24.99
C PHE A 83 24.49 -10.51 24.03
N ASP A 84 24.45 -10.24 22.73
CA ASP A 84 25.14 -11.05 21.72
C ASP A 84 26.49 -10.39 21.47
N GLU A 85 27.50 -10.80 22.24
CA GLU A 85 28.84 -10.25 22.12
C GLU A 85 29.60 -10.76 20.92
N THR A 86 28.93 -11.44 19.99
CA THR A 86 29.55 -11.85 18.73
C THR A 86 29.29 -10.87 17.60
N ARG A 87 28.54 -9.80 17.87
CA ARG A 87 28.24 -8.81 16.85
C ARG A 87 29.42 -7.85 16.67
N ARG A 88 29.54 -7.32 15.46
CA ARG A 88 30.63 -6.42 15.12
C ARG A 88 30.28 -4.99 15.52
N LEU A 89 31.33 -4.18 15.75
CA LEU A 89 31.13 -2.81 16.17
C LEU A 89 30.33 -2.02 15.14
N CYS A 90 30.58 -2.28 13.85
CA CYS A 90 29.89 -1.54 12.81
C CYS A 90 28.43 -1.95 12.65
N ASP A 91 28.05 -3.14 13.12
CA ASP A 91 26.70 -3.65 12.98
C ASP A 91 25.79 -3.25 14.14
N LEU A 92 26.25 -2.38 15.04
CA LEU A 92 25.49 -2.06 16.23
C LEU A 92 24.52 -0.91 16.02
N ARG A 93 24.66 -0.14 14.95
CA ARG A 93 23.81 1.03 14.72
C ARG A 93 23.93 2.02 15.87
N LEU A 94 25.17 2.27 16.29
CA LEU A 94 25.40 3.17 17.42
C LEU A 94 25.17 4.62 17.01
N PHE A 95 24.63 5.41 17.93
CA PHE A 95 24.46 6.83 17.68
C PHE A 95 25.82 7.53 17.66
N GLN A 96 26.57 7.43 18.75
CA GLN A 96 27.93 7.92 18.85
C GLN A 96 28.85 6.78 19.24
N PRO A 97 30.15 6.93 19.06
CA PRO A 97 31.10 5.85 19.40
C PRO A 97 31.46 5.82 20.89
N PHE A 98 30.58 5.21 21.68
CA PHE A 98 30.84 5.01 23.10
C PHE A 98 30.12 3.75 23.55
N LEU A 99 30.65 3.13 24.60
CA LEU A 99 30.07 1.93 25.17
C LEU A 99 30.10 2.03 26.69
N LYS A 100 28.99 1.69 27.33
CA LYS A 100 28.91 1.61 28.77
C LYS A 100 29.00 0.15 29.22
N VAL A 101 29.60 -0.06 30.38
CA VAL A 101 29.79 -1.38 30.96
C VAL A 101 28.81 -1.54 32.11
N ILE A 102 27.97 -2.57 32.04
CA ILE A 102 26.92 -2.78 33.03
C ILE A 102 26.79 -4.27 33.33
N GLU A 103 26.26 -4.57 34.51
CA GLU A 103 25.95 -5.94 34.88
C GLU A 103 24.54 -6.27 34.41
N PRO A 104 24.35 -7.32 33.60
CA PRO A 104 23.01 -7.59 33.06
C PRO A 104 22.00 -7.82 34.17
N VAL A 105 20.76 -7.39 33.90
CA VAL A 105 19.65 -7.53 34.84
C VAL A 105 18.39 -7.87 34.05
N GLY A 106 17.34 -8.19 34.80
CA GLY A 106 16.05 -8.51 34.19
C GLY A 106 16.05 -9.83 33.47
N ASN A 107 14.91 -10.11 32.82
CA ASN A 107 14.73 -11.34 32.05
C ASN A 107 15.61 -11.26 30.80
N ARG A 108 16.76 -11.95 30.84
CA ARG A 108 17.68 -11.90 29.71
C ARG A 108 17.02 -12.44 28.44
N GLU A 109 16.31 -13.56 28.55
CA GLU A 109 15.67 -14.15 27.37
C GLU A 109 14.60 -13.22 26.81
N GLU A 110 13.79 -12.62 27.68
CA GLU A 110 12.76 -11.71 27.20
C GLU A 110 13.35 -10.46 26.56
N LYS A 111 14.54 -10.05 27.00
CA LYS A 111 15.18 -8.90 26.38
C LYS A 111 15.73 -9.23 24.99
N ILE A 112 16.24 -10.45 24.81
CA ILE A 112 16.83 -10.82 23.53
C ILE A 112 15.76 -10.94 22.45
N LEU A 113 14.59 -11.44 22.81
CA LEU A 113 13.51 -11.56 21.84
C LEU A 113 13.00 -10.18 21.42
N ASN A 114 12.68 -9.33 22.39
CA ASN A 114 12.17 -8.00 22.08
C ASN A 114 13.16 -7.18 21.26
N ARG A 115 14.45 -7.49 21.35
CA ARG A 115 15.42 -6.81 20.50
C ARG A 115 15.39 -7.37 19.09
N GLU A 116 15.26 -8.70 18.94
CA GLU A 116 15.11 -9.29 17.62
C GLU A 116 13.81 -8.82 16.96
N ILE A 117 12.73 -8.73 17.72
CA ILE A 117 11.46 -8.26 17.18
C ILE A 117 11.57 -6.80 16.76
N GLY A 118 12.19 -5.97 17.62
CA GLY A 118 12.38 -4.58 17.25
C GLY A 118 13.21 -4.39 16.00
N PHE A 119 14.11 -5.34 15.72
CA PHE A 119 14.95 -5.22 14.53
C PHE A 119 14.13 -5.42 13.26
N ALA A 120 13.30 -6.47 13.22
CA ALA A 120 12.46 -6.70 12.05
C ALA A 120 11.43 -5.59 11.87
N ILE A 121 10.85 -5.12 12.97
CA ILE A 121 9.85 -4.05 12.90
C ILE A 121 10.49 -2.77 12.36
N GLY A 122 11.72 -2.49 12.77
CA GLY A 122 12.32 -1.21 12.48
C GLY A 122 11.99 -0.15 13.51
N MET A 123 11.80 -0.54 14.76
CA MET A 123 11.35 0.34 15.82
C MET A 123 11.44 -0.37 17.17
N PRO A 124 11.86 0.31 18.23
CA PRO A 124 11.99 -0.36 19.54
C PRO A 124 10.63 -0.76 20.08
N VAL A 125 10.51 -2.04 20.45
CA VAL A 125 9.25 -2.54 21.01
C VAL A 125 8.89 -1.79 22.29
N CYS A 126 9.89 -1.29 23.02
CA CYS A 126 9.62 -0.60 24.27
C CYS A 126 8.81 0.67 24.04
N GLU A 127 8.80 1.21 22.82
CA GLU A 127 7.99 2.39 22.54
C GLU A 127 6.50 2.07 22.65
N PHE A 128 6.10 0.85 22.31
CA PHE A 128 4.70 0.46 22.49
C PHE A 128 4.33 0.42 23.97
N ASP A 129 5.28 0.08 24.84
CA ASP A 129 5.00 0.06 26.27
C ASP A 129 4.66 1.44 26.80
N MET A 130 5.18 2.50 26.16
CA MET A 130 4.93 3.86 26.60
C MET A 130 3.56 4.39 26.17
N VAL A 131 2.87 3.69 25.27
CA VAL A 131 1.61 4.19 24.71
C VAL A 131 0.52 4.13 25.78
N LYS A 132 0.02 5.29 26.18
CA LYS A 132 -1.03 5.37 27.18
C LYS A 132 -2.41 5.03 26.63
N ASP A 133 -2.57 5.03 25.32
CA ASP A 133 -3.85 4.76 24.69
C ASP A 133 -4.38 3.39 25.10
N PRO A 134 -5.52 3.30 25.79
CA PRO A 134 -6.01 1.98 26.22
C PRO A 134 -6.23 1.02 25.07
N GLU A 135 -6.75 1.50 23.94
CA GLU A 135 -6.99 0.61 22.80
C GLU A 135 -5.70 -0.09 22.37
N VAL A 136 -4.58 0.63 22.39
CA VAL A 136 -3.31 0.04 21.99
C VAL A 136 -2.97 -1.15 22.88
N GLN A 137 -2.90 -0.92 24.20
CA GLN A 137 -2.54 -2.00 25.11
C GLN A 137 -3.53 -3.15 25.03
N ASP A 138 -4.82 -2.84 24.94
CA ASP A 138 -5.82 -3.91 24.78
C ASP A 138 -5.54 -4.74 23.54
N PHE A 139 -5.16 -4.09 22.43
CA PHE A 139 -4.82 -4.83 21.22
C PHE A 139 -3.60 -5.73 21.45
N ARG A 140 -2.61 -5.22 22.17
CA ARG A 140 -1.39 -6.01 22.38
C ARG A 140 -1.68 -7.25 23.22
N ARG A 141 -2.60 -7.14 24.18
CA ARG A 141 -2.92 -8.29 25.02
C ARG A 141 -3.92 -9.22 24.34
N ASN A 142 -5.01 -8.66 23.83
CA ASN A 142 -6.10 -9.48 23.30
C ASN A 142 -5.72 -10.17 21.99
N ILE A 143 -4.75 -9.63 21.24
CA ILE A 143 -4.38 -10.25 19.97
C ILE A 143 -3.59 -11.53 20.19
N LEU A 144 -3.07 -11.75 21.40
CA LEU A 144 -2.24 -12.92 21.66
C LEU A 144 -3.01 -14.21 21.50
N ASN A 145 -4.32 -14.20 21.74
CA ASN A 145 -5.10 -15.43 21.60
C ASN A 145 -5.07 -15.94 20.17
N VAL A 146 -5.04 -15.04 19.19
CA VAL A 146 -4.85 -15.47 17.80
C VAL A 146 -3.48 -16.11 17.65
N CYS A 147 -2.46 -15.53 18.30
CA CYS A 147 -1.12 -16.09 18.24
C CYS A 147 -1.09 -17.50 18.80
N LYS A 148 -1.56 -17.68 20.04
CA LYS A 148 -1.54 -18.99 20.67
C LYS A 148 -2.29 -20.03 19.84
N GLU A 149 -3.52 -19.69 19.42
CA GLU A 149 -4.30 -20.63 18.64
C GLU A 149 -3.59 -21.03 17.35
N ALA A 150 -2.76 -20.13 16.80
CA ALA A 150 -2.01 -20.46 15.59
C ALA A 150 -0.87 -21.42 15.91
N VAL A 151 -0.03 -21.06 16.88
CA VAL A 151 1.10 -21.92 17.24
C VAL A 151 0.62 -23.27 17.75
N ASP A 152 -0.60 -23.35 18.28
CA ASP A 152 -1.15 -24.63 18.70
C ASP A 152 -1.45 -25.51 17.48
N LEU A 153 -2.21 -24.98 16.53
CA LEU A 153 -2.50 -25.73 15.31
C LEU A 153 -1.22 -26.06 14.55
N ARG A 154 -0.20 -25.22 14.66
CA ARG A 154 1.04 -25.44 13.92
C ARG A 154 1.74 -26.71 14.36
N ASP A 155 1.71 -27.01 15.67
CA ASP A 155 2.32 -28.21 16.22
C ASP A 155 1.28 -29.22 16.70
N LEU A 156 0.07 -29.16 16.14
CA LEU A 156 -0.97 -30.10 16.56
C LEU A 156 -0.57 -31.54 16.29
N ASN A 157 0.23 -31.77 15.26
CA ASN A 157 0.71 -33.12 14.95
C ASN A 157 2.22 -33.17 15.08
N SER A 158 2.83 -34.19 14.47
CA SER A 158 4.28 -34.31 14.50
C SER A 158 4.90 -33.30 13.53
N PRO A 159 6.20 -33.37 13.25
CA PRO A 159 6.82 -32.45 12.27
C PRO A 159 5.97 -32.15 11.04
N HIS A 160 5.11 -33.08 10.63
CA HIS A 160 4.32 -32.86 9.41
C HIS A 160 3.56 -31.54 9.48
N SER A 161 2.89 -31.28 10.60
CA SER A 161 2.14 -30.03 10.74
C SER A 161 3.09 -28.83 10.70
N ARG A 162 4.18 -28.89 11.46
CA ARG A 162 5.16 -27.81 11.42
C ARG A 162 5.77 -27.68 10.03
N ALA A 163 5.79 -28.76 9.25
CA ALA A 163 6.32 -28.69 7.89
C ALA A 163 5.37 -27.95 6.97
N MET A 164 4.08 -28.26 7.04
CA MET A 164 3.09 -27.54 6.22
C MET A 164 3.18 -26.04 6.45
N TYR A 165 3.62 -25.62 7.64
CA TYR A 165 3.77 -24.19 7.91
C TYR A 165 5.00 -23.61 7.21
N VAL A 166 6.13 -24.31 7.25
CA VAL A 166 7.37 -23.78 6.68
C VAL A 166 7.38 -23.93 5.17
N TYR A 167 6.83 -25.03 4.65
CA TYR A 167 6.84 -25.32 3.22
C TYR A 167 5.43 -25.71 2.77
N PRO A 168 4.50 -24.76 2.75
CA PRO A 168 3.14 -25.07 2.32
C PRO A 168 3.11 -25.49 0.86
N PRO A 169 2.06 -26.20 0.44
CA PRO A 169 1.95 -26.60 -0.98
C PRO A 169 1.51 -25.41 -1.82
N ASN A 170 2.30 -25.09 -2.84
CA ASN A 170 1.98 -24.00 -3.76
C ASN A 170 1.08 -24.55 -4.87
N VAL A 171 -0.20 -24.67 -4.54
CA VAL A 171 -1.18 -25.32 -5.40
C VAL A 171 -2.23 -24.31 -5.86
N GLU A 172 -2.83 -24.61 -7.01
CA GLU A 172 -3.90 -23.78 -7.53
C GLU A 172 -5.13 -23.87 -6.62
N SER A 173 -6.19 -23.17 -7.01
CA SER A 173 -7.45 -23.20 -6.28
C SER A 173 -8.41 -24.27 -6.77
N SER A 174 -8.08 -24.96 -7.87
CA SER A 174 -8.94 -26.00 -8.41
C SER A 174 -8.09 -27.00 -9.18
N PRO A 175 -8.32 -28.31 -8.98
CA PRO A 175 -7.57 -29.31 -9.76
C PRO A 175 -8.06 -29.49 -11.18
N GLU A 176 -9.22 -28.93 -11.53
CA GLU A 176 -9.72 -29.05 -12.89
C GLU A 176 -8.75 -28.41 -13.87
N LEU A 177 -8.34 -29.17 -14.85
CA LEU A 177 -7.33 -28.73 -15.82
C LEU A 177 -8.01 -28.06 -17.01
N PRO A 178 -7.65 -26.82 -17.35
CA PRO A 178 -8.25 -26.17 -18.52
C PRO A 178 -8.05 -27.01 -19.77
N LYS A 179 -8.96 -26.83 -20.73
CA LYS A 179 -8.94 -27.68 -21.91
C LYS A 179 -7.67 -27.48 -22.73
N HIS A 180 -7.10 -26.27 -22.71
CA HIS A 180 -5.87 -26.03 -23.43
C HIS A 180 -4.64 -26.53 -22.67
N ILE A 181 -4.75 -26.70 -21.35
CA ILE A 181 -3.66 -27.29 -20.59
C ILE A 181 -3.70 -28.81 -20.68
N TYR A 182 -4.90 -29.39 -20.68
CA TYR A 182 -5.04 -30.85 -20.76
C TYR A 182 -4.58 -31.38 -22.12
N ASN A 183 -4.62 -30.54 -23.16
CA ASN A 183 -4.16 -30.99 -24.48
C ASN A 183 -2.66 -31.28 -24.48
N LYS A 184 -1.88 -30.56 -23.66
CA LYS A 184 -0.45 -30.81 -23.60
C LYS A 184 -0.15 -32.21 -23.08
N LEU A 185 -0.98 -32.71 -22.17
CA LEU A 185 -0.82 -34.07 -21.69
C LEU A 185 -1.24 -35.06 -22.77
N ASP A 186 -0.53 -36.18 -22.85
CA ASP A 186 -0.84 -37.24 -23.79
C ASP A 186 -1.66 -38.32 -23.07
N LYS A 187 -2.87 -38.56 -23.56
CA LYS A 187 -3.77 -39.54 -22.96
C LYS A 187 -3.91 -39.30 -21.45
N GLY A 188 -3.93 -38.01 -21.07
CA GLY A 188 -4.04 -37.66 -19.67
C GLY A 188 -2.86 -38.11 -18.83
N GLN A 189 -1.66 -38.14 -19.40
CA GLN A 189 -0.46 -38.54 -18.70
C GLN A 189 0.61 -37.47 -18.87
N ILE A 190 1.45 -37.33 -17.85
CA ILE A 190 2.50 -36.32 -17.83
C ILE A 190 3.82 -37.01 -17.51
N ILE A 191 4.80 -36.86 -18.40
CA ILE A 191 6.13 -37.42 -18.17
C ILE A 191 6.87 -36.56 -17.15
N VAL A 192 7.46 -37.21 -16.15
CA VAL A 192 8.22 -36.52 -15.11
C VAL A 192 9.50 -37.29 -14.86
N VAL A 193 10.56 -36.55 -14.53
CA VAL A 193 11.86 -37.11 -14.19
C VAL A 193 12.13 -36.84 -12.73
N ILE A 194 12.48 -37.89 -11.98
CA ILE A 194 12.74 -37.78 -10.55
C ILE A 194 14.20 -38.16 -10.29
N TRP A 195 14.91 -37.28 -9.61
CA TRP A 195 16.31 -37.50 -9.25
C TRP A 195 16.41 -37.76 -7.76
N VAL A 196 17.28 -38.69 -7.37
CA VAL A 196 17.48 -39.05 -5.98
C VAL A 196 18.97 -39.01 -5.68
N ILE A 197 19.35 -38.20 -4.69
CA ILE A 197 20.75 -38.15 -4.26
C ILE A 197 21.10 -39.49 -3.62
N VAL A 198 22.15 -40.13 -4.13
CA VAL A 198 22.56 -41.41 -3.58
C VAL A 198 22.92 -41.25 -2.11
N SER A 199 22.48 -42.20 -1.29
CA SER A 199 22.92 -42.24 0.10
C SER A 199 24.43 -42.15 0.23
N PRO A 200 25.22 -42.89 -0.55
CA PRO A 200 26.67 -42.66 -0.57
C PRO A 200 27.10 -41.81 -1.75
N ASN A 201 27.81 -40.72 -1.49
CA ASN A 201 28.41 -39.84 -2.50
C ASN A 201 27.39 -38.95 -3.18
N ASN A 202 26.14 -38.96 -2.76
CA ASN A 202 25.11 -38.05 -3.26
C ASN A 202 25.13 -37.94 -4.79
N ASP A 203 25.01 -39.09 -5.43
CA ASP A 203 24.90 -39.14 -6.89
C ASP A 203 23.45 -38.96 -7.32
N LYS A 204 23.27 -38.63 -8.60
CA LYS A 204 21.96 -38.36 -9.15
C LYS A 204 21.46 -39.58 -9.90
N GLN A 205 20.24 -40.01 -9.59
CA GLN A 205 19.62 -41.19 -10.19
C GLN A 205 18.41 -40.74 -11.00
N LYS A 206 18.64 -40.50 -12.30
CA LYS A 206 17.54 -40.14 -13.19
C LYS A 206 16.59 -41.31 -13.36
N TYR A 207 15.28 -41.01 -13.31
CA TYR A 207 14.25 -42.04 -13.38
C TYR A 207 13.03 -41.45 -14.09
N THR A 208 13.16 -41.25 -15.40
CA THR A 208 12.03 -40.77 -16.19
C THR A 208 10.84 -41.71 -16.09
N LEU A 209 9.65 -41.14 -15.97
CA LEU A 209 8.44 -41.94 -15.91
C LEU A 209 7.25 -41.12 -16.40
N LYS A 210 6.25 -41.80 -16.95
CA LYS A 210 5.04 -41.19 -17.45
C LYS A 210 3.86 -41.62 -16.58
N ILE A 211 3.22 -40.65 -15.92
CA ILE A 211 2.17 -40.94 -14.95
C ILE A 211 1.03 -39.94 -15.14
N ASN A 212 -0.14 -40.33 -14.64
CA ASN A 212 -1.31 -39.48 -14.73
C ASN A 212 -1.12 -38.21 -13.91
N HIS A 213 -1.70 -37.11 -14.41
CA HIS A 213 -1.64 -35.85 -13.67
C HIS A 213 -2.48 -35.92 -12.40
N ASP A 214 -3.50 -36.76 -12.38
CA ASP A 214 -4.35 -36.88 -11.19
C ASP A 214 -3.61 -37.51 -10.02
N CYS A 215 -2.61 -38.35 -10.31
CA CYS A 215 -1.96 -39.12 -9.26
C CYS A 215 -1.33 -38.21 -8.21
N VAL A 216 -1.57 -38.54 -6.95
CA VAL A 216 -1.06 -37.80 -5.80
C VAL A 216 0.44 -38.03 -5.70
N PRO A 217 1.20 -37.10 -5.10
CA PRO A 217 2.65 -37.34 -4.95
C PRO A 217 2.99 -38.71 -4.41
N GLU A 218 2.25 -39.21 -3.42
CA GLU A 218 2.54 -40.53 -2.87
C GLU A 218 2.43 -41.62 -3.92
N GLN A 219 1.57 -41.42 -4.93
CA GLN A 219 1.41 -42.44 -5.97
C GLN A 219 2.61 -42.49 -6.90
N VAL A 220 3.14 -41.33 -7.29
CA VAL A 220 4.33 -41.31 -8.12
C VAL A 220 5.54 -41.80 -7.34
N ILE A 221 5.60 -41.45 -6.05
CA ILE A 221 6.67 -41.96 -5.19
C ILE A 221 6.70 -43.48 -5.23
N ALA A 222 5.54 -44.10 -5.03
CA ALA A 222 5.46 -45.56 -5.02
C ALA A 222 5.96 -46.19 -6.32
N GLU A 223 6.02 -45.42 -7.41
CA GLU A 223 6.52 -45.97 -8.68
C GLU A 223 7.88 -46.63 -8.48
N ALA A 224 8.88 -45.83 -8.11
CA ALA A 224 10.23 -46.30 -7.80
C ALA A 224 10.58 -47.61 -8.48
N ILE A 225 10.60 -47.61 -9.81
CA ILE A 225 10.87 -48.82 -10.58
C ILE A 225 11.77 -48.50 -11.76
N LYS A 249 6.55 -42.61 3.85
CA LYS A 249 7.77 -42.24 4.55
C LYS A 249 8.78 -41.62 3.59
N TYR A 250 8.31 -40.65 2.80
CA TYR A 250 9.16 -39.97 1.83
C TYR A 250 8.43 -38.74 1.33
N ILE A 251 9.20 -37.75 0.85
CA ILE A 251 8.65 -36.49 0.38
C ILE A 251 9.30 -36.12 -0.95
N LEU A 252 8.60 -35.32 -1.73
CA LEU A 252 9.08 -34.81 -3.02
C LEU A 252 9.45 -33.34 -2.91
N LYS A 253 10.28 -32.89 -3.84
CA LYS A 253 10.76 -31.52 -3.84
C LYS A 253 11.13 -31.11 -5.25
N VAL A 254 11.03 -29.81 -5.51
CA VAL A 254 11.37 -29.24 -6.81
C VAL A 254 12.86 -28.95 -6.84
N CYS A 255 13.53 -29.36 -7.90
CA CYS A 255 14.96 -29.13 -8.04
C CYS A 255 15.23 -27.65 -8.26
N GLY A 256 15.98 -27.02 -7.36
CA GLY A 256 16.45 -25.66 -7.51
C GLY A 256 15.96 -24.71 -6.42
N CYS A 257 14.82 -25.03 -5.81
CA CYS A 257 14.25 -24.16 -4.78
C CYS A 257 13.73 -25.03 -3.64
N ASP A 258 13.00 -24.40 -2.72
CA ASP A 258 12.51 -25.06 -1.51
C ASP A 258 10.99 -25.01 -1.48
N GLU A 259 10.36 -25.75 -2.38
CA GLU A 259 8.92 -25.97 -2.36
C GLU A 259 8.67 -27.46 -2.42
N TYR A 260 7.83 -27.97 -1.53
CA TYR A 260 7.66 -29.40 -1.33
C TYR A 260 6.22 -29.81 -1.54
N PHE A 261 6.03 -31.01 -2.10
CA PHE A 261 4.70 -31.58 -2.31
C PHE A 261 4.29 -32.34 -1.05
N LEU A 262 3.83 -31.59 -0.06
CA LEU A 262 3.55 -32.15 1.26
C LEU A 262 2.09 -32.54 1.46
N GLU A 263 1.23 -32.38 0.45
CA GLU A 263 -0.17 -32.71 0.59
C GLU A 263 -0.63 -33.57 -0.58
N LYS A 264 -1.77 -34.22 -0.40
CA LYS A 264 -2.32 -35.13 -1.40
C LYS A 264 -3.11 -34.38 -2.46
N TYR A 265 -2.51 -33.34 -3.04
CA TYR A 265 -3.18 -32.66 -4.14
C TYR A 265 -2.87 -33.36 -5.47
N PRO A 266 -3.78 -33.28 -6.43
CA PRO A 266 -3.44 -33.76 -7.79
C PRO A 266 -2.22 -33.03 -8.31
N LEU A 267 -1.28 -33.80 -8.87
CA LEU A 267 -0.02 -33.24 -9.31
C LEU A 267 -0.22 -32.07 -10.27
N SER A 268 -1.32 -32.08 -11.03
CA SER A 268 -1.61 -30.95 -11.91
C SER A 268 -1.95 -29.69 -11.12
N GLN A 269 -2.57 -29.84 -9.95
CA GLN A 269 -2.95 -28.68 -9.16
C GLN A 269 -1.73 -27.93 -8.64
N TYR A 270 -0.66 -28.64 -8.32
CA TYR A 270 0.58 -27.98 -7.92
C TYR A 270 1.06 -27.07 -9.04
N LYS A 271 1.42 -25.83 -8.68
CA LYS A 271 1.71 -24.82 -9.69
C LYS A 271 2.90 -25.22 -10.56
N TYR A 272 3.95 -25.78 -9.96
CA TYR A 272 5.14 -26.11 -10.72
C TYR A 272 4.83 -27.05 -11.87
N ILE A 273 4.07 -28.11 -11.59
CA ILE A 273 3.72 -29.06 -12.65
C ILE A 273 2.79 -28.41 -13.67
N ARG A 274 1.80 -27.64 -13.19
CA ARG A 274 0.84 -27.02 -14.10
C ARG A 274 1.53 -26.05 -15.06
N SER A 275 2.48 -25.28 -14.56
CA SER A 275 3.24 -24.38 -15.45
C SER A 275 4.08 -25.19 -16.43
N CYS A 276 4.77 -26.22 -15.94
CA CYS A 276 5.58 -27.06 -16.83
C CYS A 276 4.73 -27.65 -17.96
N ILE A 277 3.46 -27.96 -17.69
CA ILE A 277 2.59 -28.48 -18.74
C ILE A 277 2.48 -27.49 -19.88
N MET A 278 2.03 -26.27 -19.57
CA MET A 278 1.85 -25.26 -20.62
C MET A 278 3.17 -24.88 -21.26
N LEU A 279 4.23 -24.73 -20.45
CA LEU A 279 5.54 -24.38 -20.97
C LEU A 279 6.23 -25.53 -21.68
N GLY A 280 5.62 -26.70 -21.72
CA GLY A 280 6.25 -27.84 -22.36
C GLY A 280 7.52 -28.33 -21.70
N ARG A 281 8.02 -27.62 -20.69
CA ARG A 281 9.23 -28.03 -20.01
C ARG A 281 8.96 -29.26 -19.16
N MET A 282 9.91 -30.19 -19.15
CA MET A 282 9.75 -31.43 -18.42
C MET A 282 9.94 -31.19 -16.93
N PRO A 283 8.99 -31.57 -16.09
CA PRO A 283 9.16 -31.40 -14.64
C PRO A 283 10.32 -32.25 -14.12
N ASN A 284 11.21 -31.61 -13.37
CA ASN A 284 12.32 -32.28 -12.71
C ASN A 284 12.09 -32.21 -11.20
N LEU A 285 12.02 -33.37 -10.56
CA LEU A 285 11.71 -33.45 -9.14
C LEU A 285 12.79 -34.24 -8.42
N MET A 286 12.95 -33.94 -7.13
CA MET A 286 13.91 -34.61 -6.26
C MET A 286 13.17 -35.27 -5.11
N LEU A 287 13.54 -36.52 -4.81
CA LEU A 287 12.92 -37.29 -3.75
C LEU A 287 13.78 -37.25 -2.49
N MET A 288 13.13 -37.03 -1.36
CA MET A 288 13.80 -36.91 -0.07
C MET A 288 13.23 -37.91 0.92
N ALA A 289 14.06 -38.27 1.92
CA ALA A 289 13.70 -39.29 2.89
C ALA A 289 12.67 -38.82 3.91
N LYS A 290 12.42 -37.51 4.00
CA LYS A 290 11.48 -36.90 4.93
C LYS A 290 11.98 -36.92 6.37
N GLU A 291 13.16 -37.44 6.63
CA GLU A 291 13.79 -37.32 7.94
C GLU A 291 14.77 -36.16 8.04
N SER A 292 15.48 -35.85 6.96
CA SER A 292 16.33 -34.67 6.94
C SER A 292 15.50 -33.39 6.99
N LEU A 293 14.29 -33.42 6.43
CA LEU A 293 13.43 -32.25 6.50
C LEU A 293 12.79 -32.11 7.88
N TYR A 294 12.31 -33.21 8.45
CA TYR A 294 11.70 -33.15 9.77
C TYR A 294 12.71 -32.76 10.84
N SER A 295 13.99 -33.13 10.65
CA SER A 295 14.99 -32.82 11.65
C SER A 295 15.38 -31.35 11.61
N GLN A 296 15.42 -30.75 10.41
CA GLN A 296 15.74 -29.34 10.32
C GLN A 296 14.63 -28.45 10.87
N LEU A 297 13.43 -28.97 10.98
CA LEU A 297 12.31 -28.21 11.53
C LEU A 297 12.62 -27.79 12.96
N PRO A 298 12.62 -26.50 13.27
CA PRO A 298 12.91 -26.07 14.64
C PRO A 298 11.71 -26.25 15.56
N MET A 299 11.83 -25.74 16.78
CA MET A 299 10.72 -25.76 17.75
C MET A 299 10.12 -24.36 17.79
N ASP A 300 9.06 -24.15 17.00
CA ASP A 300 8.36 -22.86 16.97
C ASP A 300 7.64 -22.67 18.29
N CYS A 301 8.39 -22.24 19.30
CA CYS A 301 7.87 -22.06 20.65
C CYS A 301 7.50 -20.60 20.87
N PHE A 302 6.24 -20.36 21.24
CA PHE A 302 5.74 -19.03 21.54
C PHE A 302 5.67 -18.84 23.05
N THR A 303 6.07 -17.65 23.50
CA THR A 303 6.07 -17.32 24.92
C THR A 303 5.28 -16.04 25.14
N MET A 304 4.48 -16.03 26.21
CA MET A 304 3.65 -14.87 26.51
C MET A 304 4.52 -13.71 26.98
N PRO A 305 4.22 -12.48 26.53
CA PRO A 305 5.08 -11.34 26.86
C PRO A 305 4.81 -10.76 28.25
N SER A 306 5.39 -9.59 28.52
CA SER A 306 5.28 -8.97 29.83
C SER A 306 3.97 -8.20 29.99
N TYR A 307 3.51 -7.55 28.92
CA TYR A 307 2.26 -6.81 29.02
C TYR A 307 1.06 -7.71 29.24
N SER A 308 1.16 -8.99 28.88
CA SER A 308 0.12 -9.95 29.23
C SER A 308 0.17 -10.36 30.70
N ARG A 309 1.35 -10.27 31.33
CA ARG A 309 1.48 -10.64 32.73
C ARG A 309 0.83 -9.60 33.65
N ARG A 310 1.21 -8.34 33.48
CA ARG A 310 0.70 -7.25 34.31
C ARG A 310 -0.35 -6.45 33.53
N ILE A 311 -1.50 -6.25 34.14
CA ILE A 311 -2.55 -5.43 33.55
C ILE A 311 -3.23 -4.59 34.63
N SER A 323 -25.52 3.23 35.33
CA SER A 323 -24.24 3.87 35.14
C SER A 323 -23.98 4.13 33.66
N THR A 324 -24.60 3.34 32.80
CA THR A 324 -24.47 3.48 31.36
C THR A 324 -25.84 3.68 30.73
N LYS A 325 -25.87 4.43 29.63
CA LYS A 325 -27.11 4.72 28.92
C LYS A 325 -26.94 4.35 27.45
N SER A 326 -28.00 3.78 26.87
CA SER A 326 -27.99 3.41 25.46
C SER A 326 -28.00 4.65 24.58
N LEU A 327 -27.47 4.51 23.38
CA LEU A 327 -27.47 5.63 22.43
C LEU A 327 -28.89 6.01 22.03
N TRP A 328 -29.75 5.01 21.81
CA TRP A 328 -31.12 5.28 21.37
C TRP A 328 -31.93 6.02 22.43
N VAL A 329 -31.53 5.94 23.70
CA VAL A 329 -32.26 6.65 24.75
C VAL A 329 -31.98 8.15 24.70
N ILE A 330 -30.81 8.54 24.19
CA ILE A 330 -30.44 9.95 24.12
C ILE A 330 -31.30 10.62 23.05
N ASN A 331 -32.19 11.52 23.47
CA ASN A 331 -33.11 12.21 22.56
C ASN A 331 -32.63 13.64 22.38
N SER A 332 -31.95 13.88 21.25
CA SER A 332 -31.45 15.21 20.91
C SER A 332 -30.71 15.10 19.59
N ALA A 333 -30.32 16.26 19.06
CA ALA A 333 -29.59 16.32 17.80
C ALA A 333 -28.09 16.34 18.07
N LEU A 334 -27.31 15.98 17.05
CA LEU A 334 -25.87 15.92 17.16
C LEU A 334 -25.27 17.32 17.06
N ARG A 335 -24.29 17.61 17.92
CA ARG A 335 -23.64 18.91 17.91
C ARG A 335 -22.23 18.76 18.48
N ILE A 336 -21.28 19.50 17.90
CA ILE A 336 -19.88 19.46 18.30
C ILE A 336 -19.37 20.89 18.38
N LYS A 337 -18.73 21.24 19.49
CA LYS A 337 -18.18 22.57 19.70
C LYS A 337 -16.74 22.58 19.19
N ILE A 338 -16.49 23.36 18.14
CA ILE A 338 -15.14 23.55 17.61
C ILE A 338 -14.52 24.70 18.39
N LEU A 339 -13.66 24.38 19.35
CA LEU A 339 -13.14 25.39 20.28
C LEU A 339 -12.10 26.29 19.60
N CYS A 340 -10.93 25.74 19.29
CA CYS A 340 -9.85 26.55 18.75
C CYS A 340 -8.80 25.66 18.10
N ALA A 341 -7.84 26.32 17.44
CA ALA A 341 -6.68 25.67 16.86
C ALA A 341 -5.46 26.55 17.13
N THR A 342 -4.28 25.95 17.00
CA THR A 342 -3.05 26.64 17.40
C THR A 342 -2.53 27.56 16.30
N TYR A 343 -2.23 27.02 15.12
CA TYR A 343 -1.63 27.82 14.07
C TYR A 343 -1.89 27.18 12.72
N VAL A 344 -1.60 27.95 11.67
CA VAL A 344 -1.64 27.48 10.29
C VAL A 344 -0.56 28.23 9.51
N ASN A 345 0.04 27.55 8.54
CA ASN A 345 1.18 28.09 7.79
C ASN A 345 0.70 28.65 6.47
N VAL A 346 0.44 29.96 6.46
CA VAL A 346 0.04 30.65 5.24
C VAL A 346 0.21 32.15 5.44
N ASN A 347 0.91 32.80 4.51
CA ASN A 347 1.12 34.24 4.62
C ASN A 347 -0.20 34.98 4.51
N ILE A 348 -0.33 36.06 5.28
CA ILE A 348 -1.56 36.83 5.27
C ILE A 348 -1.76 37.57 3.96
N ARG A 349 -0.69 37.88 3.23
CA ARG A 349 -0.76 38.66 2.00
C ARG A 349 -1.43 37.93 0.85
N ASP A 350 -1.61 36.61 0.95
CA ASP A 350 -2.20 35.82 -0.12
C ASP A 350 -3.56 35.22 0.23
N ILE A 351 -3.72 34.68 1.43
CA ILE A 351 -4.96 34.06 1.86
C ILE A 351 -5.73 35.04 2.74
N ASP A 352 -7.04 35.11 2.54
CA ASP A 352 -7.87 36.10 3.21
C ASP A 352 -8.34 35.63 4.59
N LYS A 353 -9.01 34.48 4.64
CA LYS A 353 -9.56 33.97 5.89
C LYS A 353 -9.42 32.44 5.94
N ILE A 354 -9.70 31.89 7.12
CA ILE A 354 -9.61 30.46 7.36
C ILE A 354 -10.82 30.03 8.17
N TYR A 355 -11.22 28.77 7.98
CA TYR A 355 -12.36 28.22 8.70
C TYR A 355 -12.17 26.72 8.85
N VAL A 356 -12.99 26.11 9.72
CA VAL A 356 -12.97 24.68 9.97
C VAL A 356 -14.19 24.07 9.30
N ARG A 357 -13.94 23.18 8.33
CA ARG A 357 -15.00 22.45 7.65
C ARG A 357 -15.13 21.07 8.27
N THR A 358 -16.31 20.77 8.80
CA THR A 358 -16.60 19.50 9.43
C THR A 358 -17.70 18.77 8.65
N GLY A 359 -17.91 17.51 9.01
CA GLY A 359 -18.92 16.71 8.34
C GLY A 359 -19.02 15.30 8.90
N ILE A 360 -20.25 14.81 9.04
CA ILE A 360 -20.49 13.45 9.55
C ILE A 360 -20.49 12.49 8.36
N TYR A 361 -19.74 11.40 8.49
CA TYR A 361 -19.54 10.47 7.39
C TYR A 361 -19.73 9.03 7.86
N HIS A 362 -20.33 8.21 7.00
CA HIS A 362 -20.42 6.76 7.18
C HIS A 362 -19.73 6.14 5.97
N GLY A 363 -18.42 5.91 6.10
CA GLY A 363 -17.63 5.48 4.96
C GLY A 363 -17.23 6.65 4.10
N GLY A 364 -17.61 6.63 2.83
CA GLY A 364 -17.28 7.71 1.93
C GLY A 364 -18.40 8.72 1.76
N GLU A 365 -19.61 8.35 2.16
CA GLU A 365 -20.77 9.19 1.94
C GLU A 365 -21.13 9.96 3.21
N PRO A 366 -21.60 11.19 3.07
CA PRO A 366 -22.01 11.98 4.25
C PRO A 366 -23.36 11.52 4.78
N LEU A 367 -23.46 11.44 6.10
CA LEU A 367 -24.73 11.19 6.76
C LEU A 367 -25.59 12.44 6.86
N CYS A 368 -25.03 13.61 6.55
CA CYS A 368 -25.77 14.86 6.54
C CYS A 368 -24.86 15.91 5.90
N ASP A 369 -25.47 17.04 5.52
CA ASP A 369 -24.70 18.09 4.86
C ASP A 369 -23.58 18.59 5.76
N ASN A 370 -22.41 18.81 5.17
CA ASN A 370 -21.27 19.31 5.92
C ASN A 370 -21.61 20.65 6.56
N VAL A 371 -21.05 20.88 7.75
CA VAL A 371 -21.29 22.09 8.52
C VAL A 371 -19.97 22.81 8.72
N ASN A 372 -19.86 24.02 8.18
CA ASN A 372 -18.69 24.85 8.38
C ASN A 372 -18.84 25.73 9.61
N THR A 373 -17.72 26.23 10.10
CA THR A 373 -17.73 27.24 11.15
C THR A 373 -17.65 28.62 10.50
N GLN A 374 -17.48 29.66 11.31
CA GLN A 374 -17.34 31.00 10.76
C GLN A 374 -15.91 31.24 10.29
N ARG A 375 -15.78 32.11 9.29
CA ARG A 375 -14.48 32.42 8.71
C ARG A 375 -13.74 33.38 9.63
N VAL A 376 -12.70 32.89 10.29
CA VAL A 376 -11.88 33.69 11.19
C VAL A 376 -10.56 34.03 10.50
N PRO A 377 -9.93 35.14 10.84
CA PRO A 377 -8.63 35.46 10.22
C PRO A 377 -7.59 34.41 10.56
N CYS A 378 -6.57 34.33 9.69
CA CYS A 378 -5.57 33.28 9.82
C CYS A 378 -4.90 33.31 11.20
N SER A 379 -4.67 34.50 11.75
CA SER A 379 -3.87 34.65 12.95
C SER A 379 -4.64 34.40 14.24
N ASN A 380 -5.95 34.16 14.18
CA ASN A 380 -6.78 33.95 15.37
C ASN A 380 -7.70 32.77 15.14
N PRO A 381 -7.18 31.54 15.25
CA PRO A 381 -8.03 30.33 15.12
C PRO A 381 -8.86 30.06 16.37
N ARG A 382 -10.00 30.74 16.47
CA ARG A 382 -10.91 30.58 17.59
C ARG A 382 -12.35 30.61 17.09
N TRP A 383 -13.17 29.68 17.59
CA TRP A 383 -14.56 29.59 17.17
C TRP A 383 -15.49 29.36 18.35
N ASN A 384 -15.21 28.31 19.13
CA ASN A 384 -16.09 27.87 20.21
C ASN A 384 -17.55 27.89 19.73
N GLU A 385 -17.75 27.47 18.48
CA GLU A 385 -19.05 27.51 17.84
C GLU A 385 -19.60 26.08 17.80
N TRP A 386 -20.61 25.81 18.64
CA TRP A 386 -21.28 24.52 18.60
C TRP A 386 -21.88 24.28 17.22
N LEU A 387 -21.33 23.32 16.48
CA LEU A 387 -21.83 23.00 15.15
C LEU A 387 -22.99 22.01 15.28
N ASN A 388 -24.17 22.41 14.78
CA ASN A 388 -25.37 21.60 14.85
C ASN A 388 -25.54 20.83 13.55
N TYR A 389 -25.56 19.51 13.63
CA TYR A 389 -25.72 18.64 12.47
C TYR A 389 -27.16 18.15 12.39
N ASP A 390 -27.68 18.10 11.16
CA ASP A 390 -29.05 17.63 10.92
C ASP A 390 -29.04 16.11 10.90
N ILE A 391 -28.94 15.52 12.09
CA ILE A 391 -28.99 14.07 12.24
C ILE A 391 -29.48 13.74 13.63
N TYR A 392 -30.29 12.69 13.74
CA TYR A 392 -30.78 12.23 15.03
C TYR A 392 -29.70 11.39 15.71
N ILE A 393 -29.38 11.74 16.95
CA ILE A 393 -28.37 10.99 17.70
C ILE A 393 -28.69 9.49 17.75
N PRO A 394 -29.92 9.07 18.02
CA PRO A 394 -30.21 7.62 18.04
C PRO A 394 -30.02 6.96 16.68
N ASP A 395 -30.00 7.71 15.58
CA ASP A 395 -29.89 7.13 14.25
C ASP A 395 -28.45 7.09 13.74
N LEU A 396 -27.48 7.45 14.57
CA LEU A 396 -26.08 7.38 14.16
C LEU A 396 -25.67 5.93 13.98
N PRO A 397 -25.23 5.52 12.79
CA PRO A 397 -24.81 4.12 12.60
C PRO A 397 -23.58 3.80 13.44
N ARG A 398 -23.28 2.50 13.52
CA ARG A 398 -22.18 2.05 14.37
C ARG A 398 -20.85 2.65 13.92
N ALA A 399 -20.65 2.77 12.61
CA ALA A 399 -19.38 3.24 12.05
C ALA A 399 -19.35 4.74 11.79
N ALA A 400 -20.21 5.51 12.47
CA ALA A 400 -20.26 6.95 12.23
C ALA A 400 -18.95 7.60 12.63
N ARG A 401 -18.47 8.53 11.79
CA ARG A 401 -17.21 9.21 12.00
C ARG A 401 -17.38 10.70 11.74
N LEU A 402 -16.49 11.49 12.33
CA LEU A 402 -16.44 12.93 12.12
C LEU A 402 -15.18 13.26 11.32
N CYS A 403 -15.37 13.88 10.16
CA CYS A 403 -14.26 14.29 9.30
C CYS A 403 -14.25 15.81 9.23
N LEU A 404 -13.15 16.41 9.67
CA LEU A 404 -13.01 17.85 9.70
C LEU A 404 -11.66 18.26 9.15
N SER A 405 -11.52 19.54 8.83
CA SER A 405 -10.29 20.08 8.29
C SER A 405 -10.32 21.59 8.40
N ILE A 406 -9.13 22.19 8.40
CA ILE A 406 -8.97 23.64 8.43
C ILE A 406 -8.69 24.10 7.01
N CYS A 407 -9.63 24.86 6.44
CA CYS A 407 -9.53 25.30 5.05
C CYS A 407 -9.23 26.79 4.99
N SER A 408 -8.55 27.19 3.93
CA SER A 408 -8.24 28.59 3.65
C SER A 408 -9.13 29.07 2.52
N VAL A 409 -9.83 30.18 2.73
CA VAL A 409 -10.68 30.79 1.73
C VAL A 409 -9.94 31.96 1.11
N LYS A 410 -10.00 32.06 -0.23
CA LYS A 410 -9.27 33.06 -1.00
C LYS A 410 -10.22 33.62 -2.07
N GLY A 411 -11.05 34.57 -1.66
CA GLY A 411 -12.03 35.15 -2.56
C GLY A 411 -11.57 36.40 -3.26
N ARG A 412 -10.35 36.39 -3.79
CA ARG A 412 -9.80 37.54 -4.49
C ARG A 412 -10.08 37.52 -5.99
N LYS A 413 -10.50 36.39 -6.54
CA LYS A 413 -10.69 36.22 -7.98
C LYS A 413 -12.19 36.15 -8.28
N GLY A 414 -12.83 37.31 -8.34
CA GLY A 414 -14.22 37.42 -8.72
C GLY A 414 -15.17 36.67 -7.80
N ALA A 415 -16.38 36.42 -8.33
CA ALA A 415 -17.39 35.72 -7.55
C ALA A 415 -16.92 34.35 -7.09
N LYS A 416 -15.98 33.75 -7.80
CA LYS A 416 -15.45 32.44 -7.44
C LYS A 416 -14.34 32.61 -6.40
N GLU A 417 -14.56 32.07 -5.21
CA GLU A 417 -13.58 32.11 -4.13
C GLU A 417 -12.99 30.71 -3.97
N GLU A 418 -11.67 30.62 -4.05
CA GLU A 418 -10.99 29.33 -3.99
C GLU A 418 -10.85 28.86 -2.54
N HIS A 419 -11.10 27.58 -2.33
CA HIS A 419 -10.99 26.95 -1.02
C HIS A 419 -9.91 25.88 -1.08
N CYS A 420 -8.87 26.04 -0.28
CA CYS A 420 -7.76 25.11 -0.22
C CYS A 420 -7.68 24.49 1.16
N PRO A 421 -7.58 23.16 1.27
CA PRO A 421 -7.42 22.53 2.58
C PRO A 421 -5.99 22.68 3.09
N LEU A 422 -5.87 22.96 4.39
CA LEU A 422 -4.58 23.14 5.05
C LEU A 422 -4.19 21.91 5.87
N ALA A 423 -5.11 21.36 6.64
CA ALA A 423 -4.86 20.18 7.44
C ALA A 423 -6.19 19.50 7.73
N TRP A 424 -6.14 18.20 7.98
CA TRP A 424 -7.35 17.40 8.17
C TRP A 424 -7.20 16.48 9.39
N GLY A 425 -8.29 15.80 9.71
CA GLY A 425 -8.33 14.89 10.84
C GLY A 425 -9.67 14.21 10.96
N ASN A 426 -9.68 12.96 11.41
CA ASN A 426 -10.90 12.17 11.51
C ASN A 426 -10.99 11.53 12.89
N ILE A 427 -12.23 11.29 13.32
CA ILE A 427 -12.51 10.74 14.65
C ILE A 427 -13.67 9.76 14.55
N ASN A 428 -13.60 8.71 15.37
CA ASN A 428 -14.69 7.76 15.47
C ASN A 428 -15.65 8.22 16.58
N LEU A 429 -16.90 8.49 16.22
CA LEU A 429 -17.87 8.90 17.21
C LEU A 429 -18.03 7.86 18.31
N PHE A 430 -17.82 6.59 17.98
CA PHE A 430 -17.78 5.51 18.96
C PHE A 430 -16.36 4.94 19.01
N ASP A 431 -15.80 4.86 20.22
CA ASP A 431 -14.51 4.24 20.38
C ASP A 431 -14.64 2.72 20.26
N TYR A 432 -13.50 2.03 20.39
CA TYR A 432 -13.49 0.58 20.20
C TYR A 432 -14.38 -0.15 21.19
N THR A 433 -14.89 0.52 22.22
CA THR A 433 -15.69 -0.11 23.27
C THR A 433 -17.16 0.28 23.19
N ASP A 434 -17.62 0.66 22.00
CA ASP A 434 -19.00 1.09 21.77
C ASP A 434 -19.36 2.37 22.52
N THR A 435 -18.40 3.01 23.17
CA THR A 435 -18.69 4.18 23.98
C THR A 435 -18.66 5.43 23.13
N LEU A 436 -19.78 6.14 23.06
CA LEU A 436 -19.82 7.41 22.35
C LEU A 436 -18.90 8.42 23.03
N VAL A 437 -18.35 9.33 22.23
CA VAL A 437 -17.41 10.32 22.76
C VAL A 437 -18.17 11.39 23.53
N SER A 438 -17.46 12.05 24.44
CA SER A 438 -18.04 13.12 25.24
C SER A 438 -16.90 13.88 25.91
N GLY A 439 -17.17 15.14 26.24
CA GLY A 439 -16.17 15.99 26.85
C GLY A 439 -15.32 16.71 25.83
N LYS A 440 -14.30 17.39 26.35
CA LYS A 440 -13.34 18.08 25.50
C LYS A 440 -12.31 17.10 24.95
N MET A 441 -11.75 17.43 23.79
CA MET A 441 -10.78 16.57 23.14
C MET A 441 -9.80 17.41 22.33
N ALA A 442 -8.54 17.00 22.34
CA ALA A 442 -7.48 17.63 21.57
C ALA A 442 -7.06 16.71 20.43
N LEU A 443 -6.88 17.28 19.25
CA LEU A 443 -6.58 16.50 18.05
C LEU A 443 -5.49 17.20 17.24
N ASN A 444 -4.46 16.46 16.87
CA ASN A 444 -3.38 16.97 16.03
C ASN A 444 -3.64 16.57 14.59
N LEU A 445 -3.65 17.57 13.70
CA LEU A 445 -4.05 17.35 12.32
C LEU A 445 -2.86 17.05 11.42
N TRP A 446 -3.15 16.37 10.29
CA TRP A 446 -2.22 15.88 9.29
C TRP A 446 -2.14 16.83 8.10
N PRO A 447 -1.02 16.82 7.39
CA PRO A 447 -0.93 17.59 6.15
C PRO A 447 -1.82 17.00 5.07
N VAL A 448 -2.11 17.82 4.06
CA VAL A 448 -2.96 17.36 2.95
C VAL A 448 -2.13 16.46 2.04
N PRO A 449 -2.62 15.28 1.69
CA PRO A 449 -1.86 14.42 0.78
C PRO A 449 -1.74 15.04 -0.60
N HIS A 450 -0.55 14.92 -1.19
CA HIS A 450 -0.30 15.47 -2.51
C HIS A 450 -1.36 15.02 -3.49
N GLY A 451 -1.87 15.97 -4.28
CA GLY A 451 -2.88 15.68 -5.27
C GLY A 451 -4.30 15.73 -4.77
N LEU A 452 -4.52 15.60 -3.46
CA LEU A 452 -5.87 15.69 -2.91
C LEU A 452 -6.38 17.12 -3.03
N GLU A 453 -7.58 17.26 -3.60
CA GLU A 453 -8.19 18.57 -3.80
C GLU A 453 -9.46 18.79 -3.01
N ASP A 454 -10.14 17.74 -2.56
CA ASP A 454 -11.34 17.89 -1.77
C ASP A 454 -11.03 18.65 -0.48
N LEU A 455 -12.07 19.23 0.11
CA LEU A 455 -11.90 19.99 1.35
C LEU A 455 -11.85 19.08 2.57
N LEU A 456 -12.36 17.85 2.47
CA LEU A 456 -12.27 16.86 3.54
C LEU A 456 -11.65 15.59 2.98
N ASN A 457 -11.05 14.81 3.88
CA ASN A 457 -10.40 13.55 3.53
C ASN A 457 -11.00 12.44 4.38
N PRO A 458 -12.23 12.01 4.08
CA PRO A 458 -12.85 10.94 4.88
C PRO A 458 -12.21 9.57 4.69
N ILE A 459 -11.52 9.33 3.56
CA ILE A 459 -10.80 8.07 3.39
C ILE A 459 -9.57 7.99 4.27
N GLY A 460 -9.18 9.09 4.91
CA GLY A 460 -7.99 9.09 5.72
C GLY A 460 -8.16 8.35 7.02
N VAL A 461 -7.03 8.04 7.65
CA VAL A 461 -7.03 7.28 8.89
C VAL A 461 -7.56 8.15 10.03
N THR A 462 -8.14 7.50 11.03
CA THR A 462 -8.67 8.19 12.19
C THR A 462 -7.61 8.28 13.28
N GLY A 463 -7.85 9.16 14.23
CA GLY A 463 -6.94 9.35 15.35
C GLY A 463 -6.12 10.62 15.20
N SER A 464 -5.30 10.86 16.22
CA SER A 464 -4.48 12.06 16.29
C SER A 464 -3.12 11.84 15.63
N ASN A 465 -2.54 12.93 15.16
CA ASN A 465 -1.21 12.87 14.55
C ASN A 465 -0.16 12.74 15.65
N PRO A 466 0.74 11.75 15.56
CA PRO A 466 1.80 11.64 16.57
C PRO A 466 2.75 12.82 16.57
N ASN A 467 2.97 13.45 15.42
CA ASN A 467 3.81 14.65 15.34
C ASN A 467 3.09 15.80 16.03
N LYS A 468 3.46 16.08 17.28
CA LYS A 468 2.83 17.15 18.03
C LYS A 468 3.36 18.52 17.68
N GLU A 469 4.29 18.61 16.73
CA GLU A 469 4.68 19.89 16.13
C GLU A 469 3.81 20.25 14.95
N THR A 470 2.50 20.04 15.10
CA THR A 470 1.50 20.26 14.06
C THR A 470 0.32 20.99 14.66
N PRO A 471 -0.56 21.52 13.82
CA PRO A 471 -1.76 22.20 14.34
C PRO A 471 -2.59 21.27 15.21
N CYS A 472 -3.13 21.83 16.29
CA CYS A 472 -3.95 21.09 17.24
C CYS A 472 -5.32 21.75 17.32
N LEU A 473 -6.38 20.94 17.25
CA LEU A 473 -7.75 21.43 17.22
C LEU A 473 -8.48 20.99 18.48
N GLU A 474 -8.96 21.96 19.24
CA GLU A 474 -9.70 21.68 20.46
C GLU A 474 -11.19 21.52 20.15
N LEU A 475 -11.76 20.39 20.55
CA LEU A 475 -13.17 20.12 20.38
C LEU A 475 -13.81 19.83 21.73
N GLU A 476 -15.13 19.74 21.73
CA GLU A 476 -15.89 19.39 22.93
C GLU A 476 -17.20 18.75 22.51
N PHE A 477 -17.37 17.47 22.82
CA PHE A 477 -18.64 16.79 22.65
C PHE A 477 -19.48 16.95 23.90
N ASP A 478 -20.76 17.24 23.73
CA ASP A 478 -21.64 17.34 24.88
C ASP A 478 -21.66 16.01 25.64
N TRP A 479 -22.16 16.04 26.87
CA TRP A 479 -22.10 14.90 27.77
C TRP A 479 -23.50 14.65 28.32
N PHE A 480 -23.90 13.38 28.33
CA PHE A 480 -25.28 12.98 28.68
C PHE A 480 -25.39 12.42 30.09
N SER A 481 -24.68 13.03 31.05
CA SER A 481 -24.79 12.66 32.47
C SER A 481 -24.54 11.17 32.69
N SER A 482 -23.92 10.49 31.74
CA SER A 482 -23.66 9.07 31.86
C SER A 482 -22.87 8.63 30.63
N VAL A 483 -22.20 7.48 30.75
CA VAL A 483 -21.44 6.91 29.64
C VAL A 483 -22.44 6.46 28.58
N VAL A 484 -22.53 7.19 27.48
CA VAL A 484 -23.43 6.84 26.39
C VAL A 484 -22.80 5.72 25.58
N LYS A 485 -23.52 4.61 25.45
CA LYS A 485 -23.04 3.44 24.72
C LYS A 485 -24.00 3.08 23.60
N PHE A 486 -23.51 2.26 22.68
CA PHE A 486 -24.29 1.80 21.54
C PHE A 486 -25.16 0.61 21.95
N PRO A 487 -26.41 0.55 21.49
CA PRO A 487 -27.27 -0.57 21.87
C PRO A 487 -26.68 -1.91 21.41
N ASP A 488 -27.07 -2.97 22.11
CA ASP A 488 -26.55 -4.30 21.84
C ASP A 488 -27.23 -4.90 20.61
N MET A 489 -26.67 -6.01 20.12
CA MET A 489 -27.27 -6.69 18.98
C MET A 489 -28.67 -7.18 19.29
N SER A 490 -28.97 -7.44 20.56
CA SER A 490 -30.32 -7.84 20.95
C SER A 490 -31.32 -6.73 20.70
N VAL A 491 -31.02 -5.52 21.21
CA VAL A 491 -31.92 -4.38 20.98
C VAL A 491 -32.06 -4.12 19.49
N ILE A 492 -31.01 -4.39 18.70
CA ILE A 492 -31.06 -4.15 17.27
C ILE A 492 -32.14 -5.01 16.63
N GLU A 493 -32.14 -6.30 16.94
CA GLU A 493 -33.11 -7.21 16.32
C GLU A 493 -34.53 -6.93 16.83
N GLU A 494 -34.67 -6.45 18.07
CA GLU A 494 -35.98 -6.04 18.56
C GLU A 494 -36.55 -4.91 17.71
N HIS A 495 -35.76 -3.85 17.51
CA HIS A 495 -36.20 -2.75 16.65
C HIS A 495 -36.36 -3.19 15.20
N ALA A 496 -35.73 -4.31 14.81
CA ALA A 496 -35.86 -4.81 13.45
C ALA A 496 -37.18 -5.54 13.24
N ASN A 497 -37.50 -6.48 14.13
CA ASN A 497 -38.79 -7.18 14.02
C ASN A 497 -39.96 -6.24 14.28
N TRP A 498 -39.71 -5.07 14.86
CA TRP A 498 -40.79 -4.11 15.09
C TRP A 498 -41.44 -3.68 13.78
N SER A 499 -40.64 -3.56 12.72
CA SER A 499 -41.15 -3.15 11.42
C SER A 499 -41.78 -4.32 10.67
N LEU A 523 -43.53 -12.09 -7.02
CA LEU A 523 -42.64 -11.20 -7.76
C LEU A 523 -42.67 -11.52 -9.25
N ARG A 524 -42.79 -10.48 -10.07
CA ARG A 524 -42.84 -10.67 -11.52
C ARG A 524 -41.53 -11.23 -12.03
N GLU A 525 -41.62 -12.01 -13.10
CA GLU A 525 -40.41 -12.54 -13.75
C GLU A 525 -39.56 -11.40 -14.32
N ASN A 526 -40.21 -10.39 -14.88
CA ASN A 526 -39.48 -9.23 -15.36
C ASN A 526 -38.85 -8.46 -14.20
N ASP A 527 -39.58 -8.33 -13.09
CA ASP A 527 -38.98 -7.77 -11.88
C ASP A 527 -37.80 -8.61 -11.42
N LYS A 528 -37.95 -9.93 -11.45
CA LYS A 528 -36.83 -10.81 -11.11
C LYS A 528 -35.63 -10.54 -12.01
N GLU A 529 -35.86 -10.19 -13.28
CA GLU A 529 -34.76 -9.95 -14.19
C GLU A 529 -34.05 -8.63 -13.86
N GLN A 530 -34.80 -7.60 -13.49
CA GLN A 530 -34.17 -6.33 -13.12
C GLN A 530 -33.26 -6.50 -11.91
N LEU A 531 -33.69 -7.29 -10.93
CA LEU A 531 -32.84 -7.56 -9.78
C LEU A 531 -31.58 -8.30 -10.19
N LYS A 532 -31.70 -9.26 -11.10
CA LYS A 532 -30.53 -10.04 -11.52
C LYS A 532 -29.51 -9.17 -12.24
N ALA A 533 -29.99 -8.25 -13.10
CA ALA A 533 -29.08 -7.40 -13.84
C ALA A 533 -28.37 -6.39 -12.94
N ILE A 534 -29.06 -5.91 -11.90
CA ILE A 534 -28.44 -4.95 -10.98
C ILE A 534 -27.27 -5.60 -10.25
N SER A 535 -27.39 -6.88 -9.91
CA SER A 535 -26.28 -7.57 -9.25
C SER A 535 -25.10 -7.74 -10.19
N THR A 536 -25.35 -7.94 -11.49
CA THR A 536 -24.27 -8.18 -12.42
C THR A 536 -23.46 -6.93 -12.71
N ARG A 537 -24.07 -5.75 -12.58
CA ARG A 537 -23.35 -4.51 -12.83
C ARG A 537 -22.13 -4.39 -11.92
N ASP A 538 -21.19 -3.56 -12.36
CA ASP A 538 -19.94 -3.38 -11.62
C ASP A 538 -20.18 -2.57 -10.35
N PRO A 539 -19.25 -2.64 -9.39
CA PRO A 539 -19.45 -1.93 -8.12
C PRO A 539 -19.48 -0.42 -8.27
N LEU A 540 -19.20 0.14 -9.46
CA LEU A 540 -19.12 1.58 -9.65
C LEU A 540 -20.11 2.09 -10.69
N SER A 541 -21.13 1.31 -11.03
CA SER A 541 -22.15 1.79 -11.94
C SER A 541 -23.14 2.68 -11.20
N GLU A 542 -23.75 3.60 -11.94
CA GLU A 542 -24.71 4.52 -11.34
C GLU A 542 -25.89 3.75 -10.76
N ILE A 543 -26.38 4.21 -9.61
CA ILE A 543 -27.49 3.59 -8.90
C ILE A 543 -28.52 4.68 -8.64
N THR A 544 -29.57 4.72 -9.46
CA THR A 544 -30.59 5.74 -9.32
C THR A 544 -31.45 5.49 -8.08
N GLU A 545 -32.10 6.56 -7.61
CA GLU A 545 -32.93 6.43 -6.42
C GLU A 545 -34.07 5.43 -6.63
N GLN A 546 -34.69 5.47 -7.82
CA GLN A 546 -35.73 4.49 -8.12
C GLN A 546 -35.23 3.07 -7.89
N GLU A 547 -33.99 2.79 -8.28
CA GLU A 547 -33.43 1.46 -8.09
C GLU A 547 -33.07 1.20 -6.64
N LYS A 548 -32.72 2.23 -5.88
CA LYS A 548 -32.46 2.05 -4.46
C LYS A 548 -33.71 1.57 -3.73
N ASP A 549 -34.83 2.27 -3.93
CA ASP A 549 -36.09 1.83 -3.32
C ASP A 549 -36.51 0.47 -3.85
N PHE A 550 -36.21 0.18 -5.11
CA PHE A 550 -36.60 -1.10 -5.70
C PHE A 550 -35.93 -2.26 -4.95
N LEU A 551 -34.63 -2.15 -4.69
CA LEU A 551 -33.95 -3.18 -3.92
C LEU A 551 -34.40 -3.19 -2.47
N TRP A 552 -34.52 -2.01 -1.84
CA TRP A 552 -34.93 -1.95 -0.45
C TRP A 552 -36.31 -2.57 -0.25
N SER A 553 -37.21 -2.38 -1.22
CA SER A 553 -38.56 -2.92 -1.08
C SER A 553 -38.60 -4.43 -1.31
N HIS A 554 -37.59 -4.99 -1.97
CA HIS A 554 -37.48 -6.43 -2.20
C HIS A 554 -36.28 -7.02 -1.46
N ARG A 555 -35.87 -6.39 -0.36
CA ARG A 555 -34.65 -6.81 0.33
C ARG A 555 -34.74 -8.26 0.80
N HIS A 556 -35.95 -8.77 1.04
CA HIS A 556 -36.07 -10.15 1.52
C HIS A 556 -35.93 -11.15 0.39
N TYR A 557 -36.44 -10.83 -0.80
CA TYR A 557 -36.25 -11.70 -1.96
C TYR A 557 -34.80 -11.78 -2.40
N CYS A 558 -33.98 -10.78 -2.06
CA CYS A 558 -32.60 -10.74 -2.52
C CYS A 558 -31.79 -11.92 -2.03
N VAL A 559 -32.22 -12.59 -0.96
CA VAL A 559 -31.45 -13.70 -0.40
C VAL A 559 -31.25 -14.78 -1.45
N THR A 560 -32.18 -14.93 -2.39
CA THR A 560 -32.02 -15.92 -3.45
C THR A 560 -30.91 -15.54 -4.41
N ILE A 561 -30.67 -14.24 -4.60
CA ILE A 561 -29.56 -13.76 -5.40
C ILE A 561 -28.54 -13.11 -4.46
N PRO A 562 -27.69 -13.91 -3.80
CA PRO A 562 -26.82 -13.33 -2.77
C PRO A 562 -25.83 -12.30 -3.30
N GLU A 563 -25.44 -12.39 -4.57
CA GLU A 563 -24.43 -11.49 -5.11
C GLU A 563 -24.88 -10.04 -5.13
N ILE A 564 -26.17 -9.78 -4.99
CA ILE A 564 -26.67 -8.40 -5.04
C ILE A 564 -26.44 -7.65 -3.74
N LEU A 565 -25.97 -8.31 -2.69
CA LEU A 565 -25.82 -7.67 -1.39
C LEU A 565 -25.03 -6.36 -1.44
N PRO A 566 -23.91 -6.26 -2.17
CA PRO A 566 -23.21 -4.97 -2.24
C PRO A 566 -24.13 -3.84 -2.70
N LYS A 567 -24.83 -4.03 -3.81
CA LYS A 567 -25.77 -3.00 -4.27
C LYS A 567 -26.88 -2.77 -3.25
N LEU A 568 -27.32 -3.83 -2.57
CA LEU A 568 -28.40 -3.69 -1.60
C LEU A 568 -27.99 -2.79 -0.45
N LEU A 569 -26.77 -2.97 0.06
CA LEU A 569 -26.30 -2.15 1.17
C LEU A 569 -26.21 -0.67 0.80
N LEU A 570 -26.05 -0.37 -0.50
CA LEU A 570 -25.99 1.03 -0.92
C LEU A 570 -27.36 1.70 -0.89
N SER A 571 -28.44 0.92 -0.92
CA SER A 571 -29.79 1.47 -0.84
C SER A 571 -30.22 1.74 0.61
N VAL A 572 -29.40 1.36 1.59
CA VAL A 572 -29.79 1.51 2.98
C VAL A 572 -29.69 2.98 3.39
N LYS A 573 -30.71 3.46 4.11
CA LYS A 573 -30.68 4.80 4.69
C LYS A 573 -29.96 4.69 6.04
N TRP A 574 -28.64 4.58 5.96
CA TRP A 574 -27.83 4.51 7.18
C TRP A 574 -28.08 5.66 8.15
N ASN A 575 -28.74 6.74 7.72
CA ASN A 575 -29.23 7.81 8.57
C ASN A 575 -30.51 7.43 9.30
N SER A 576 -30.95 6.17 9.21
CA SER A 576 -32.20 5.71 9.82
C SER A 576 -31.92 4.48 10.65
N ARG A 577 -32.10 4.59 11.97
CA ARG A 577 -31.96 3.43 12.84
C ARG A 577 -32.92 2.31 12.43
N ASP A 578 -34.06 2.67 11.83
CA ASP A 578 -35.04 1.66 11.45
C ASP A 578 -34.52 0.75 10.35
N GLU A 579 -34.05 1.33 9.24
CA GLU A 579 -33.55 0.53 8.14
C GLU A 579 -32.26 -0.19 8.53
N VAL A 580 -31.40 0.47 9.30
CA VAL A 580 -30.14 -0.14 9.72
C VAL A 580 -30.41 -1.43 10.49
N ALA A 581 -31.32 -1.36 11.47
CA ALA A 581 -31.61 -2.53 12.30
C ALA A 581 -32.10 -3.69 11.45
N GLN A 582 -32.99 -3.42 10.49
CA GLN A 582 -33.50 -4.49 9.64
C GLN A 582 -32.39 -5.10 8.79
N MET A 583 -31.47 -4.26 8.29
CA MET A 583 -30.40 -4.78 7.45
C MET A 583 -29.46 -5.68 8.25
N TYR A 584 -29.22 -5.35 9.52
CA TYR A 584 -28.40 -6.22 10.36
C TYR A 584 -28.93 -7.64 10.38
N CYS A 585 -30.26 -7.79 10.36
CA CYS A 585 -30.86 -9.12 10.43
C CYS A 585 -30.77 -9.87 9.11
N LEU A 586 -30.72 -9.15 7.98
CA LEU A 586 -30.59 -9.82 6.69
C LEU A 586 -29.19 -10.36 6.46
N VAL A 587 -28.16 -9.58 6.82
CA VAL A 587 -26.79 -10.04 6.62
C VAL A 587 -26.43 -11.12 7.63
N LYS A 588 -27.06 -11.10 8.81
CA LYS A 588 -26.80 -12.14 9.80
C LYS A 588 -27.09 -13.52 9.24
N ASP A 589 -28.15 -13.64 8.44
CA ASP A 589 -28.53 -14.90 7.82
C ASP A 589 -28.42 -14.84 6.29
N TRP A 590 -27.44 -14.08 5.80
CA TRP A 590 -27.23 -13.98 4.36
C TRP A 590 -26.29 -15.08 3.89
N PRO A 591 -26.66 -15.86 2.88
CA PRO A 591 -25.78 -16.92 2.40
C PRO A 591 -24.43 -16.35 1.97
N PRO A 592 -23.33 -17.03 2.29
CA PRO A 592 -22.01 -16.49 1.95
C PRO A 592 -21.87 -16.28 0.45
N ILE A 593 -21.13 -15.22 0.10
CA ILE A 593 -20.88 -14.90 -1.29
C ILE A 593 -19.46 -15.31 -1.64
N LYS A 594 -19.14 -15.24 -2.94
CA LYS A 594 -17.81 -15.62 -3.39
C LYS A 594 -16.76 -14.66 -2.84
N PRO A 595 -15.54 -15.14 -2.59
CA PRO A 595 -14.51 -14.26 -2.00
C PRO A 595 -14.27 -12.99 -2.80
N GLU A 596 -14.03 -13.11 -4.10
CA GLU A 596 -13.76 -11.92 -4.92
C GLU A 596 -14.84 -10.86 -4.77
N GLN A 597 -16.05 -11.25 -4.40
CA GLN A 597 -17.13 -10.29 -4.19
C GLN A 597 -17.25 -9.84 -2.74
N ALA A 598 -16.89 -10.71 -1.79
CA ALA A 598 -16.86 -10.29 -0.39
C ALA A 598 -15.88 -9.15 -0.19
N MET A 599 -14.74 -9.18 -0.89
CA MET A 599 -13.71 -8.16 -0.71
C MET A 599 -14.27 -6.76 -0.91
N GLU A 600 -15.23 -6.61 -1.83
CA GLU A 600 -15.84 -5.30 -2.04
C GLU A 600 -16.39 -4.74 -0.75
N LEU A 601 -16.87 -5.60 0.15
CA LEU A 601 -17.43 -5.14 1.42
C LEU A 601 -16.37 -4.52 2.32
N LEU A 602 -15.09 -4.77 2.04
CA LEU A 602 -14.01 -4.26 2.88
C LEU A 602 -13.44 -2.92 2.40
N ASP A 603 -13.98 -2.36 1.31
CA ASP A 603 -13.48 -1.10 0.81
C ASP A 603 -14.03 0.07 1.63
N CYS A 604 -13.60 1.27 1.28
CA CYS A 604 -13.98 2.46 2.04
C CYS A 604 -15.47 2.76 2.01
N ASN A 605 -16.26 2.01 1.23
CA ASN A 605 -17.69 2.27 1.15
C ASN A 605 -18.51 1.51 2.17
N TYR A 606 -18.00 0.39 2.70
CA TYR A 606 -18.75 -0.47 3.62
C TYR A 606 -18.03 -0.49 4.97
N PRO A 607 -18.24 0.53 5.80
CA PRO A 607 -17.53 0.60 7.08
C PRO A 607 -18.21 -0.14 8.23
N ASP A 608 -19.51 -0.41 8.11
CA ASP A 608 -20.25 -0.98 9.22
C ASP A 608 -19.60 -2.29 9.67
N PRO A 609 -19.45 -2.50 10.99
CA PRO A 609 -18.80 -3.74 11.44
C PRO A 609 -19.53 -5.00 11.02
N MET A 610 -20.84 -5.05 11.24
CA MET A 610 -21.62 -6.23 10.86
C MET A 610 -21.39 -6.57 9.38
N VAL A 611 -21.39 -5.55 8.53
CA VAL A 611 -21.11 -5.78 7.11
C VAL A 611 -19.73 -6.40 6.94
N ARG A 612 -18.70 -5.78 7.53
CA ARG A 612 -17.35 -6.28 7.38
C ARG A 612 -17.19 -7.66 8.04
N GLY A 613 -17.86 -7.88 9.17
CA GLY A 613 -17.80 -9.20 9.79
C GLY A 613 -18.29 -10.30 8.86
N PHE A 614 -19.43 -10.07 8.20
CA PHE A 614 -19.91 -11.02 7.21
C PHE A 614 -18.88 -11.25 6.13
N ALA A 615 -18.27 -10.18 5.62
CA ALA A 615 -17.23 -10.32 4.61
C ALA A 615 -16.09 -11.20 5.11
N VAL A 616 -15.66 -11.00 6.36
CA VAL A 616 -14.56 -11.79 6.91
C VAL A 616 -14.93 -13.27 6.95
N ARG A 617 -16.15 -13.58 7.36
CA ARG A 617 -16.55 -14.98 7.47
C ARG A 617 -16.65 -15.65 6.12
N CYS A 618 -16.91 -14.89 5.06
CA CYS A 618 -16.84 -15.46 3.71
C CYS A 618 -15.42 -15.88 3.38
N LEU A 619 -14.44 -15.01 3.66
CA LEU A 619 -13.05 -15.33 3.37
C LEU A 619 -12.57 -16.51 4.20
N GLU A 620 -12.87 -16.50 5.51
CA GLU A 620 -12.49 -17.61 6.37
C GLU A 620 -13.00 -18.94 5.82
N LYS A 621 -14.13 -18.92 5.13
CA LYS A 621 -14.78 -20.14 4.68
C LYS A 621 -14.41 -20.55 3.27
N TYR A 622 -14.20 -19.59 2.36
CA TYR A 622 -14.08 -19.90 0.94
C TYR A 622 -12.84 -19.29 0.27
N LEU A 623 -11.94 -18.67 1.02
CA LEU A 623 -10.73 -18.09 0.46
C LEU A 623 -9.58 -19.09 0.58
N THR A 624 -9.07 -19.53 -0.57
CA THR A 624 -7.96 -20.47 -0.58
C THR A 624 -6.66 -19.76 -0.18
N ASP A 625 -5.69 -20.55 0.28
CA ASP A 625 -4.37 -20.00 0.55
C ASP A 625 -3.71 -19.46 -0.72
N ASP A 626 -4.11 -19.95 -1.89
CA ASP A 626 -3.58 -19.41 -3.14
C ASP A 626 -4.14 -18.03 -3.43
N LYS A 627 -5.47 -17.90 -3.43
CA LYS A 627 -6.08 -16.60 -3.70
C LYS A 627 -5.74 -15.59 -2.61
N LEU A 628 -5.56 -16.04 -1.38
CA LEU A 628 -5.18 -15.13 -0.30
C LEU A 628 -3.80 -14.53 -0.56
N SER A 629 -2.85 -15.36 -1.03
CA SER A 629 -1.56 -14.83 -1.45
C SER A 629 -1.68 -13.98 -2.70
N GLN A 630 -2.68 -14.25 -3.54
CA GLN A 630 -2.84 -13.50 -4.77
C GLN A 630 -3.35 -12.08 -4.50
N TYR A 631 -4.27 -11.94 -3.55
CA TYR A 631 -4.90 -10.66 -3.24
C TYR A 631 -4.39 -10.06 -1.92
N LEU A 632 -3.21 -10.49 -1.45
CA LEU A 632 -2.75 -10.06 -0.15
C LEU A 632 -2.50 -8.56 -0.09
N ILE A 633 -2.06 -7.96 -1.19
CA ILE A 633 -1.76 -6.52 -1.20
C ILE A 633 -2.98 -5.73 -0.74
N GLN A 634 -4.13 -5.97 -1.39
CA GLN A 634 -5.33 -5.22 -1.01
C GLN A 634 -5.80 -5.59 0.39
N LEU A 635 -5.75 -6.87 0.74
CA LEU A 635 -6.19 -7.28 2.07
C LEU A 635 -5.37 -6.60 3.16
N VAL A 636 -4.10 -6.31 2.88
CA VAL A 636 -3.30 -5.55 3.85
C VAL A 636 -3.71 -4.08 3.82
N GLN A 637 -4.00 -3.54 2.64
CA GLN A 637 -4.36 -2.13 2.52
C GLN A 637 -5.67 -1.84 3.24
N VAL A 638 -6.66 -2.72 3.13
CA VAL A 638 -7.96 -2.46 3.72
C VAL A 638 -7.88 -2.37 5.24
N LEU A 639 -6.78 -2.84 5.83
CA LEU A 639 -6.62 -2.71 7.27
C LEU A 639 -6.54 -1.26 7.71
N LYS A 640 -6.18 -0.34 6.80
CA LYS A 640 -6.15 1.07 7.15
C LYS A 640 -7.54 1.65 7.34
N TYR A 641 -8.54 1.10 6.64
CA TYR A 641 -9.90 1.62 6.72
C TYR A 641 -10.59 1.27 8.01
N GLU A 642 -10.19 0.18 8.67
CA GLU A 642 -10.84 -0.23 9.91
C GLU A 642 -10.73 0.87 10.97
N GLN A 643 -11.81 1.07 11.72
CA GLN A 643 -11.83 2.12 12.74
C GLN A 643 -10.93 1.78 13.92
N TYR A 644 -10.83 0.51 14.28
CA TYR A 644 -10.14 0.09 15.48
C TYR A 644 -9.05 -0.92 15.14
N LEU A 645 -8.11 -1.07 16.08
CA LEU A 645 -7.00 -1.99 15.87
C LEU A 645 -7.48 -3.44 15.90
N ASP A 646 -8.39 -3.77 16.80
CA ASP A 646 -8.85 -5.13 17.02
C ASP A 646 -10.16 -5.34 16.26
N ASN A 647 -10.06 -5.99 15.10
CA ASN A 647 -11.23 -6.33 14.30
C ASN A 647 -11.09 -7.74 13.76
N LEU A 648 -12.15 -8.25 13.14
CA LEU A 648 -12.15 -9.62 12.64
C LEU A 648 -11.20 -9.77 11.46
N LEU A 649 -11.11 -8.75 10.60
CA LEU A 649 -10.23 -8.85 9.44
C LEU A 649 -8.78 -9.05 9.86
N VAL A 650 -8.28 -8.19 10.75
CA VAL A 650 -6.88 -8.30 11.18
C VAL A 650 -6.63 -9.64 11.85
N ARG A 651 -7.60 -10.13 12.62
CA ARG A 651 -7.42 -11.42 13.28
C ARG A 651 -7.37 -12.57 12.28
N PHE A 652 -8.18 -12.49 11.22
CA PHE A 652 -8.16 -13.53 10.19
C PHE A 652 -6.82 -13.53 9.45
N LEU A 653 -6.35 -12.35 9.04
CA LEU A 653 -5.10 -12.27 8.31
C LEU A 653 -3.94 -12.74 9.18
N LEU A 654 -3.86 -12.25 10.42
CA LEU A 654 -2.78 -12.68 11.31
C LEU A 654 -2.82 -14.17 11.55
N LYS A 655 -4.03 -14.74 11.72
CA LYS A 655 -4.14 -16.18 11.88
C LYS A 655 -3.59 -16.91 10.66
N LYS A 656 -3.86 -16.39 9.46
CA LYS A 656 -3.34 -17.01 8.25
C LYS A 656 -1.84 -16.79 8.11
N ALA A 657 -1.35 -15.62 8.52
CA ALA A 657 0.08 -15.36 8.44
C ALA A 657 0.86 -16.30 9.35
N LEU A 658 0.29 -16.65 10.51
CA LEU A 658 0.96 -17.52 11.46
C LEU A 658 0.78 -19.00 11.14
N THR A 659 -0.07 -19.35 10.18
CA THR A 659 -0.28 -20.74 9.79
C THR A 659 0.21 -21.03 8.38
N ASN A 660 0.80 -20.07 7.70
CA ASN A 660 1.38 -20.28 6.38
C ASN A 660 2.55 -19.34 6.23
N GLN A 661 3.74 -19.91 6.03
CA GLN A 661 4.95 -19.09 5.96
C GLN A 661 5.07 -18.34 4.64
N ARG A 662 4.61 -18.95 3.54
CA ARG A 662 4.56 -18.22 2.27
C ARG A 662 3.64 -17.01 2.38
N ILE A 663 2.63 -17.08 3.24
CA ILE A 663 1.75 -15.95 3.45
C ILE A 663 2.37 -14.96 4.44
N GLY A 664 2.86 -15.46 5.57
CA GLY A 664 3.45 -14.60 6.58
C GLY A 664 4.63 -13.80 6.07
N HIS A 665 5.43 -14.39 5.17
CA HIS A 665 6.56 -13.68 4.61
C HIS A 665 6.14 -12.37 3.96
N PHE A 666 5.22 -12.44 3.00
CA PHE A 666 4.75 -11.22 2.35
C PHE A 666 3.87 -10.39 3.27
N PHE A 667 3.13 -11.03 4.16
CA PHE A 667 2.41 -10.28 5.20
C PHE A 667 3.37 -9.41 5.98
N PHE A 668 4.56 -9.92 6.29
CA PHE A 668 5.55 -9.15 7.04
C PHE A 668 6.11 -8.01 6.20
N TRP A 669 6.49 -8.29 4.95
CA TRP A 669 7.15 -7.28 4.14
C TRP A 669 6.18 -6.19 3.70
N HIS A 670 4.91 -6.53 3.47
CA HIS A 670 3.94 -5.51 3.13
C HIS A 670 3.74 -4.54 4.29
N LEU A 671 3.64 -5.07 5.52
CA LEU A 671 3.52 -4.20 6.68
C LEU A 671 4.80 -3.41 6.93
N LYS A 672 5.96 -4.08 6.82
CA LYS A 672 7.24 -3.41 7.05
C LYS A 672 7.45 -2.29 6.04
N SER A 673 7.01 -2.49 4.80
CA SER A 673 7.29 -1.52 3.74
C SER A 673 6.60 -0.18 3.95
N GLU A 674 5.67 -0.08 4.91
CA GLU A 674 4.99 1.18 5.18
C GLU A 674 5.14 1.61 6.64
N MET A 675 6.09 1.01 7.37
CA MET A 675 6.35 1.46 8.74
C MET A 675 6.89 2.87 8.79
N HIS A 676 7.40 3.39 7.67
CA HIS A 676 7.83 4.78 7.60
C HIS A 676 6.66 5.74 7.55
N ASN A 677 5.45 5.26 7.30
CA ASN A 677 4.26 6.09 7.12
C ASN A 677 3.58 6.26 8.47
N LYS A 678 3.67 7.47 9.03
CA LYS A 678 3.21 7.73 10.40
C LYS A 678 1.71 7.59 10.55
N THR A 679 0.95 7.47 9.46
CA THR A 679 -0.49 7.29 9.56
C THR A 679 -0.88 5.85 9.90
N VAL A 680 -0.02 4.89 9.59
CA VAL A 680 -0.29 3.48 9.86
C VAL A 680 0.86 2.78 10.57
N SER A 681 1.92 3.50 10.93
CA SER A 681 3.07 2.86 11.57
C SER A 681 2.67 2.21 12.89
N GLN A 682 1.84 2.88 13.68
CA GLN A 682 1.42 2.30 14.95
C GLN A 682 0.55 1.07 14.74
N ARG A 683 -0.40 1.16 13.79
CA ARG A 683 -1.26 0.01 13.49
C ARG A 683 -0.43 -1.17 13.01
N PHE A 684 0.42 -0.95 11.99
CA PHE A 684 1.25 -2.04 11.49
C PHE A 684 2.35 -2.41 12.48
N GLY A 685 2.84 -1.45 13.26
CA GLY A 685 3.82 -1.77 14.28
C GLY A 685 3.28 -2.78 15.29
N LEU A 686 2.07 -2.53 15.79
CA LEU A 686 1.47 -3.45 16.74
C LEU A 686 1.14 -4.79 16.10
N LEU A 687 0.76 -4.79 14.82
CA LEU A 687 0.50 -6.05 14.13
C LEU A 687 1.79 -6.82 13.89
N LEU A 688 2.85 -6.11 13.52
CA LEU A 688 4.14 -6.78 13.32
C LEU A 688 4.68 -7.35 14.63
N GLU A 689 4.53 -6.60 15.72
CA GLU A 689 4.97 -7.11 17.02
C GLU A 689 4.28 -8.42 17.35
N SER A 690 2.98 -8.50 17.09
CA SER A 690 2.24 -9.73 17.40
C SER A 690 2.66 -10.87 16.47
N TYR A 691 2.93 -10.56 15.20
CA TYR A 691 3.31 -11.60 14.25
C TYR A 691 4.70 -12.15 14.58
N CYS A 692 5.68 -11.26 14.76
CA CYS A 692 7.03 -11.72 15.06
C CYS A 692 7.08 -12.47 16.38
N ARG A 693 6.28 -12.05 17.36
CA ARG A 693 6.26 -12.73 18.66
C ARG A 693 5.79 -14.18 18.55
N ALA A 694 5.17 -14.55 17.42
CA ALA A 694 4.60 -15.89 17.27
C ALA A 694 4.95 -16.57 15.94
N CYS A 695 5.61 -15.88 15.01
CA CYS A 695 5.97 -16.53 13.76
C CYS A 695 7.04 -17.61 13.93
N GLY A 696 7.55 -17.80 15.14
CA GLY A 696 8.49 -18.88 15.38
C GLY A 696 9.89 -18.55 14.90
N MET A 697 10.60 -19.60 14.46
CA MET A 697 12.00 -19.47 14.09
C MET A 697 12.21 -18.66 12.82
N TYR A 698 11.16 -18.41 12.03
CA TYR A 698 11.33 -17.62 10.82
C TYR A 698 11.75 -16.19 11.12
N LEU A 699 11.55 -15.72 12.35
CA LEU A 699 12.02 -14.41 12.74
C LEU A 699 13.54 -14.30 12.57
N LYS A 700 14.26 -15.39 12.82
CA LYS A 700 15.70 -15.38 12.61
C LYS A 700 16.04 -15.16 11.14
N HIS A 701 15.27 -15.77 10.23
CA HIS A 701 15.52 -15.60 8.81
C HIS A 701 15.10 -14.21 8.33
N LEU A 702 14.04 -13.65 8.90
CA LEU A 702 13.61 -12.31 8.50
C LEU A 702 14.67 -11.27 8.86
N ASN A 703 15.27 -11.37 10.05
CA ASN A 703 16.31 -10.43 10.43
C ASN A 703 17.51 -10.54 9.50
N ARG A 704 17.84 -11.76 9.07
CA ARG A 704 18.89 -11.93 8.08
C ARG A 704 18.57 -11.14 6.82
N GLN A 705 17.28 -11.07 6.45
CA GLN A 705 16.88 -10.29 5.30
C GLN A 705 16.95 -8.80 5.59
N VAL A 706 16.49 -8.38 6.77
CA VAL A 706 16.48 -6.96 7.11
C VAL A 706 17.90 -6.41 7.14
N GLU A 707 18.83 -7.13 7.76
CA GLU A 707 20.20 -6.63 7.83
C GLU A 707 20.85 -6.57 6.46
N ALA A 708 20.49 -7.49 5.56
CA ALA A 708 21.04 -7.44 4.20
C ALA A 708 20.55 -6.20 3.46
N MET A 709 19.26 -5.89 3.59
CA MET A 709 18.73 -4.70 2.93
C MET A 709 19.31 -3.42 3.52
N GLU A 710 19.53 -3.40 4.83
CA GLU A 710 20.06 -2.21 5.47
C GLU A 710 21.44 -1.86 4.95
N LYS A 711 22.25 -2.87 4.61
CA LYS A 711 23.58 -2.60 4.06
C LYS A 711 23.52 -2.19 2.60
N LEU A 712 22.54 -2.69 1.85
CA LEU A 712 22.37 -2.23 0.47
C LEU A 712 21.86 -0.80 0.43
N ILE A 713 20.99 -0.44 1.37
CA ILE A 713 20.54 0.95 1.48
C ILE A 713 21.71 1.85 1.83
N ASN A 714 22.55 1.42 2.76
CA ASN A 714 23.71 2.22 3.14
C ASN A 714 24.70 2.32 1.98
N LEU A 715 24.95 1.20 1.29
CA LEU A 715 25.91 1.21 0.19
C LEU A 715 25.45 2.14 -0.93
N THR A 716 24.17 2.06 -1.31
CA THR A 716 23.66 2.94 -2.34
C THR A 716 23.53 4.38 -1.85
N ASP A 717 23.30 4.56 -0.55
CA ASP A 717 23.22 5.91 0.00
C ASP A 717 24.53 6.66 -0.19
N ILE A 718 25.66 5.96 -0.04
CA ILE A 718 26.96 6.58 -0.20
C ILE A 718 27.22 6.92 -1.67
N LEU A 719 26.76 6.06 -2.58
CA LEU A 719 27.04 6.25 -3.99
C LEU A 719 26.29 7.45 -4.57
N LYS A 720 25.13 7.79 -4.00
CA LYS A 720 24.34 8.90 -4.49
C LYS A 720 24.41 10.13 -3.61
N GLN A 721 25.24 10.11 -2.56
CA GLN A 721 25.44 11.28 -1.70
C GLN A 721 26.91 11.65 -1.64
N GLU A 722 27.73 10.87 -0.92
CA GLU A 722 29.13 11.25 -0.72
C GLU A 722 29.95 11.09 -1.99
N LYS A 723 29.58 10.13 -2.85
CA LYS A 723 30.35 9.82 -4.06
C LYS A 723 29.49 10.00 -5.30
N LYS A 724 28.65 11.03 -5.31
CA LYS A 724 27.78 11.29 -6.45
C LYS A 724 28.53 11.94 -7.61
N ASP A 725 29.57 12.70 -7.32
CA ASP A 725 30.31 13.43 -8.35
C ASP A 725 31.59 12.71 -8.78
N GLU A 726 31.79 11.47 -8.34
CA GLU A 726 32.94 10.68 -8.75
C GLU A 726 32.54 9.74 -9.88
N THR A 727 33.45 9.51 -10.81
CA THR A 727 33.15 8.73 -12.00
C THR A 727 32.78 7.30 -11.62
N GLN A 728 32.17 6.59 -12.58
CA GLN A 728 31.74 5.22 -12.32
C GLN A 728 32.93 4.29 -12.16
N LYS A 729 34.06 4.59 -12.81
CA LYS A 729 35.26 3.80 -12.58
C LYS A 729 35.72 3.90 -11.15
N VAL A 730 35.49 5.04 -10.50
CA VAL A 730 35.85 5.21 -9.10
C VAL A 730 34.81 4.60 -8.19
N GLN A 731 33.53 4.69 -8.56
CA GLN A 731 32.47 4.13 -7.72
C GLN A 731 32.56 2.61 -7.69
N MET A 732 32.82 1.97 -8.83
CA MET A 732 33.00 0.52 -8.84
C MET A 732 34.20 0.11 -8.01
N LYS A 733 35.29 0.88 -8.09
CA LYS A 733 36.45 0.60 -7.24
C LYS A 733 36.06 0.67 -5.77
N PHE A 734 35.28 1.68 -5.38
CA PHE A 734 34.84 1.79 -4.00
C PHE A 734 33.87 0.67 -3.65
N LEU A 735 32.97 0.33 -4.56
CA LEU A 735 31.94 -0.66 -4.25
C LEU A 735 32.54 -2.05 -4.07
N VAL A 736 33.43 -2.46 -4.99
CA VAL A 736 34.06 -3.77 -4.87
C VAL A 736 34.91 -3.84 -3.61
N GLU A 737 35.58 -2.73 -3.27
CA GLU A 737 36.38 -2.71 -2.06
C GLU A 737 35.54 -2.88 -0.80
N GLN A 738 34.31 -2.35 -0.80
CA GLN A 738 33.46 -2.44 0.38
C GLN A 738 32.78 -3.81 0.48
N MET A 739 32.41 -4.40 -0.66
CA MET A 739 31.73 -5.68 -0.65
C MET A 739 32.65 -6.85 -0.31
N ARG A 740 33.96 -6.62 -0.19
CA ARG A 740 34.90 -7.66 0.16
C ARG A 740 35.22 -7.72 1.65
N ARG A 741 34.65 -6.82 2.45
CA ARG A 741 34.91 -6.82 3.88
C ARG A 741 34.15 -7.95 4.55
N PRO A 742 34.58 -8.36 5.75
CA PRO A 742 33.90 -9.47 6.43
C PRO A 742 32.46 -9.15 6.79
N ASP A 743 32.19 -7.93 7.27
CA ASP A 743 30.84 -7.59 7.71
C ASP A 743 29.86 -7.60 6.55
N PHE A 744 30.31 -7.19 5.36
CA PHE A 744 29.42 -7.11 4.22
C PHE A 744 29.15 -8.48 3.60
N MET A 745 30.13 -9.38 3.63
CA MET A 745 29.92 -10.72 3.08
C MET A 745 29.09 -11.59 4.02
N ASP A 746 29.29 -11.44 5.33
CA ASP A 746 28.50 -12.22 6.29
C ASP A 746 27.03 -11.83 6.23
N ALA A 747 26.73 -10.59 5.84
CA ALA A 747 25.35 -10.11 5.82
C ALA A 747 24.66 -10.46 4.51
N LEU A 748 25.35 -10.26 3.38
CA LEU A 748 24.76 -10.40 2.06
C LEU A 748 25.04 -11.76 1.43
N GLN A 749 25.17 -12.80 2.23
CA GLN A 749 25.35 -14.16 1.72
C GLN A 749 24.64 -15.13 2.63
N GLY A 750 23.89 -16.06 2.05
CA GLY A 750 23.19 -17.08 2.81
C GLY A 750 21.94 -16.58 3.50
N PHE A 751 20.92 -16.23 2.71
CA PHE A 751 19.65 -15.81 3.26
C PHE A 751 18.59 -15.92 2.17
N LEU A 752 17.33 -15.92 2.60
CA LEU A 752 16.21 -16.10 1.68
C LEU A 752 15.95 -14.84 0.88
N SER A 753 15.48 -15.03 -0.36
CA SER A 753 15.18 -13.91 -1.24
C SER A 753 13.84 -13.30 -0.88
N PRO A 754 13.76 -12.01 -0.58
CA PRO A 754 12.46 -11.39 -0.29
C PRO A 754 11.48 -11.46 -1.45
N LEU A 755 11.97 -11.59 -2.69
CA LEU A 755 11.06 -11.75 -3.82
C LEU A 755 10.37 -13.11 -3.79
N ASN A 756 11.01 -14.10 -3.17
CA ASN A 756 10.46 -15.45 -3.08
C ASN A 756 11.25 -16.26 -2.05
N PRO A 757 10.75 -16.40 -0.83
CA PRO A 757 11.50 -17.12 0.21
C PRO A 757 11.86 -18.55 -0.17
N ALA A 758 11.30 -19.08 -1.26
CA ALA A 758 11.75 -20.38 -1.75
C ALA A 758 13.11 -20.30 -2.42
N HIS A 759 13.50 -19.11 -2.90
CA HIS A 759 14.80 -18.92 -3.51
C HIS A 759 15.85 -18.66 -2.44
N GLN A 760 16.93 -19.44 -2.46
CA GLN A 760 18.04 -19.27 -1.54
C GLN A 760 19.11 -18.43 -2.19
N LEU A 761 19.40 -17.26 -1.60
CA LEU A 761 20.48 -16.40 -2.07
C LEU A 761 21.76 -16.80 -1.33
N GLY A 762 22.65 -17.49 -2.03
CA GLY A 762 23.87 -17.97 -1.42
C GLY A 762 25.02 -16.99 -1.46
N ASN A 763 26.11 -17.38 -2.13
CA ASN A 763 27.30 -16.57 -2.21
C ASN A 763 27.24 -15.63 -3.41
N LEU A 764 27.84 -14.46 -3.25
CA LEU A 764 27.79 -13.43 -4.28
C LEU A 764 28.73 -13.74 -5.44
N ARG A 765 28.29 -13.35 -6.63
CA ARG A 765 29.13 -13.40 -7.83
C ARG A 765 29.54 -11.97 -8.17
N LEU A 766 30.61 -11.52 -7.49
CA LEU A 766 31.02 -10.12 -7.61
C LEU A 766 31.28 -9.72 -9.05
N GLU A 767 31.68 -10.67 -9.91
CA GLU A 767 31.93 -10.34 -11.30
C GLU A 767 30.65 -9.87 -12.00
N GLU A 768 29.52 -10.53 -11.69
CA GLU A 768 28.26 -10.15 -12.29
C GLU A 768 27.62 -8.94 -11.62
N CYS A 769 28.08 -8.56 -10.44
CA CYS A 769 27.57 -7.36 -9.79
C CYS A 769 28.10 -6.12 -10.50
N ARG A 770 27.26 -5.08 -10.55
CA ARG A 770 27.62 -3.87 -11.28
C ARG A 770 26.64 -2.77 -10.92
N ILE A 771 27.16 -1.54 -10.82
CA ILE A 771 26.34 -0.36 -10.63
C ILE A 771 25.81 0.06 -11.99
N MET A 772 24.50 -0.03 -12.17
CA MET A 772 23.89 0.32 -13.45
C MET A 772 24.20 1.77 -13.80
N SER A 773 24.51 2.01 -15.07
CA SER A 773 24.84 3.35 -15.56
C SER A 773 23.55 4.13 -15.83
N SER A 774 22.87 4.49 -14.75
CA SER A 774 21.58 5.16 -14.80
C SER A 774 21.58 6.33 -13.83
N ALA A 775 20.42 6.98 -13.73
CA ALA A 775 20.28 8.14 -12.86
C ALA A 775 20.18 7.72 -11.41
N LYS A 776 19.16 6.93 -11.07
CA LYS A 776 18.96 6.51 -9.68
C LYS A 776 20.08 5.63 -9.14
N ARG A 777 21.08 5.30 -9.97
CA ARG A 777 22.20 4.47 -9.57
C ARG A 777 21.72 3.15 -8.93
N PRO A 778 20.96 2.35 -9.67
CA PRO A 778 20.56 1.04 -9.16
C PRO A 778 21.71 0.04 -9.20
N LEU A 779 21.54 -1.03 -8.44
CA LEU A 779 22.54 -2.08 -8.30
C LEU A 779 22.00 -3.38 -8.85
N LYS A 780 22.78 -4.03 -9.72
CA LYS A 780 22.48 -5.36 -10.21
C LYS A 780 23.36 -6.36 -9.45
N LEU A 781 22.73 -7.27 -8.72
CA LEU A 781 23.43 -8.21 -7.87
C LEU A 781 23.19 -9.64 -8.34
N ASN A 782 24.21 -10.48 -8.17
CA ASN A 782 24.17 -11.87 -8.59
C ASN A 782 24.56 -12.77 -7.44
N TRP A 783 23.87 -13.91 -7.31
CA TRP A 783 24.12 -14.89 -6.27
C TRP A 783 24.26 -16.27 -6.88
N GLU A 784 24.65 -17.23 -6.04
CA GLU A 784 24.68 -18.63 -6.40
C GLU A 784 23.54 -19.37 -5.71
N ASN A 785 22.85 -20.22 -6.45
CA ASN A 785 21.77 -21.02 -5.88
C ASN A 785 22.37 -22.22 -5.17
N PRO A 786 22.34 -22.27 -3.83
CA PRO A 786 23.04 -23.34 -3.10
C PRO A 786 22.37 -24.70 -3.23
N ASP A 787 21.14 -24.78 -3.74
CA ASP A 787 20.47 -26.07 -3.86
C ASP A 787 21.34 -27.05 -4.65
N ILE A 788 21.38 -28.29 -4.18
CA ILE A 788 22.17 -29.31 -4.86
C ILE A 788 21.77 -29.41 -6.32
N MET A 789 20.48 -29.41 -6.60
CA MET A 789 19.96 -29.41 -7.97
C MET A 789 19.84 -27.99 -8.52
N SER A 790 20.92 -27.22 -8.41
CA SER A 790 20.91 -25.85 -8.91
C SER A 790 21.02 -25.77 -10.42
N GLU A 791 21.42 -26.85 -11.09
CA GLU A 791 21.56 -26.86 -12.53
C GLU A 791 20.21 -26.95 -13.26
N LEU A 792 19.13 -27.21 -12.53
CA LEU A 792 17.80 -27.36 -13.16
C LEU A 792 17.09 -26.01 -13.23
N LEU A 793 16.71 -25.45 -12.08
CA LEU A 793 15.98 -24.19 -12.07
C LEU A 793 16.88 -23.03 -12.51
N PHE A 794 17.94 -22.78 -11.75
CA PHE A 794 18.90 -21.74 -12.10
C PHE A 794 20.07 -21.79 -11.12
N GLN A 795 21.24 -21.41 -11.61
CA GLN A 795 22.43 -21.30 -10.78
C GLN A 795 22.78 -19.85 -10.42
N ASN A 796 22.22 -18.88 -11.13
CA ASN A 796 22.43 -17.46 -10.83
C ASN A 796 21.07 -16.84 -10.60
N ASN A 797 20.90 -16.21 -9.43
CA ASN A 797 19.68 -15.47 -9.09
C ASN A 797 20.06 -13.99 -9.01
N GLU A 798 19.55 -13.21 -9.96
CA GLU A 798 19.91 -11.80 -10.10
C GLU A 798 18.73 -10.91 -9.74
N ILE A 799 19.02 -9.83 -9.02
CA ILE A 799 18.01 -8.87 -8.59
C ILE A 799 18.57 -7.47 -8.75
N MET A 800 17.69 -6.51 -8.99
CA MET A 800 18.05 -5.10 -9.07
C MET A 800 17.59 -4.40 -7.80
N PHE A 801 18.54 -3.82 -7.07
CA PHE A 801 18.23 -3.09 -5.84
C PHE A 801 18.08 -1.61 -6.19
N LYS A 802 16.87 -1.09 -6.03
CA LYS A 802 16.57 0.30 -6.36
C LYS A 802 16.33 1.08 -5.07
N ASN A 803 17.01 2.21 -4.94
CA ASN A 803 16.89 3.09 -3.78
C ASN A 803 16.68 4.50 -4.30
N GLY A 804 15.42 4.93 -4.41
CA GLY A 804 15.12 6.27 -4.87
C GLY A 804 13.82 6.39 -5.64
N ASP A 805 13.39 5.29 -6.25
CA ASP A 805 12.17 5.27 -7.05
C ASP A 805 11.08 4.51 -6.30
N ASP A 806 9.91 5.12 -6.18
CA ASP A 806 8.76 4.47 -5.56
C ASP A 806 8.27 3.36 -6.49
N LEU A 807 8.37 2.12 -6.03
CA LEU A 807 7.99 0.95 -6.82
C LEU A 807 6.63 0.40 -6.44
N ARG A 808 5.83 1.17 -5.70
CA ARG A 808 4.51 0.69 -5.30
C ARG A 808 3.58 0.59 -6.51
N GLN A 809 3.49 1.66 -7.31
CA GLN A 809 2.65 1.60 -8.51
C GLN A 809 3.12 0.50 -9.46
N ASP A 810 4.44 0.33 -9.59
CA ASP A 810 4.96 -0.76 -10.41
C ASP A 810 4.68 -2.12 -9.79
N MET A 811 4.66 -2.20 -8.46
CA MET A 811 4.33 -3.46 -7.79
C MET A 811 2.85 -3.81 -7.98
N LEU A 812 1.97 -2.81 -7.93
CA LEU A 812 0.55 -3.06 -8.14
C LEU A 812 0.27 -3.44 -9.58
N THR A 813 0.93 -2.77 -10.53
CA THR A 813 0.69 -3.07 -11.94
C THR A 813 1.06 -4.51 -12.28
N LEU A 814 2.15 -5.01 -11.70
CA LEU A 814 2.56 -6.38 -11.95
C LEU A 814 1.62 -7.38 -11.29
N GLN A 815 0.97 -6.98 -10.19
CA GLN A 815 0.00 -7.86 -9.56
C GLN A 815 -1.26 -8.00 -10.40
N ILE A 816 -1.73 -6.90 -10.98
CA ILE A 816 -2.91 -6.94 -11.83
C ILE A 816 -2.63 -7.73 -13.10
N ILE A 817 -1.41 -7.64 -13.62
CA ILE A 817 -1.06 -8.39 -14.82
C ILE A 817 -1.08 -9.89 -14.53
N ARG A 818 -0.60 -10.29 -13.35
CA ARG A 818 -0.72 -11.70 -12.96
C ARG A 818 -2.18 -12.12 -12.88
N ILE A 819 -3.00 -11.33 -12.18
CA ILE A 819 -4.42 -11.64 -12.08
C ILE A 819 -5.05 -11.73 -13.46
N MET A 820 -4.65 -10.84 -14.37
CA MET A 820 -5.18 -10.90 -15.73
C MET A 820 -4.77 -12.19 -16.43
N GLU A 821 -3.50 -12.60 -16.29
CA GLU A 821 -3.06 -13.83 -16.92
C GLU A 821 -3.74 -15.05 -16.31
N ASN A 822 -4.05 -15.00 -15.01
CA ASN A 822 -4.78 -16.10 -14.39
C ASN A 822 -6.17 -16.25 -14.99
N ILE A 823 -6.85 -15.13 -15.24
CA ILE A 823 -8.17 -15.18 -15.85
C ILE A 823 -8.10 -15.82 -17.23
N TRP A 824 -7.03 -15.54 -17.97
CA TRP A 824 -6.92 -16.04 -19.34
C TRP A 824 -6.63 -17.55 -19.36
N GLN A 825 -5.72 -18.01 -18.50
CA GLN A 825 -5.38 -19.43 -18.50
C GLN A 825 -6.59 -20.29 -18.15
N ASN A 826 -7.38 -19.86 -17.17
CA ASN A 826 -8.59 -20.61 -16.82
C ASN A 826 -9.58 -20.65 -17.97
N GLN A 827 -9.52 -19.70 -18.90
CA GLN A 827 -10.43 -19.66 -20.05
C GLN A 827 -9.75 -20.12 -21.33
N GLY A 828 -8.82 -21.08 -21.24
CA GLY A 828 -8.16 -21.62 -22.40
C GLY A 828 -7.53 -20.56 -23.29
N LEU A 829 -6.65 -19.75 -22.72
CA LEU A 829 -5.97 -18.68 -23.47
C LEU A 829 -4.58 -18.51 -22.84
N ASP A 830 -3.60 -19.22 -23.39
CA ASP A 830 -2.23 -19.13 -22.90
C ASP A 830 -1.56 -17.90 -23.50
N LEU A 831 -1.99 -16.73 -23.00
CA LEU A 831 -1.29 -15.48 -23.30
C LEU A 831 -0.07 -15.38 -22.39
N ARG A 832 0.90 -16.24 -22.69
CA ARG A 832 2.12 -16.38 -21.89
C ARG A 832 2.69 -15.02 -21.51
N MET A 833 2.38 -14.57 -20.29
CA MET A 833 2.90 -13.33 -19.75
C MET A 833 4.04 -13.62 -18.79
N LEU A 834 5.01 -12.71 -18.74
CA LEU A 834 6.12 -12.87 -17.81
C LEU A 834 6.04 -11.81 -16.72
N PRO A 835 5.20 -12.02 -15.71
CA PRO A 835 5.09 -11.05 -14.60
C PRO A 835 6.18 -11.28 -13.54
N TYR A 836 7.36 -10.74 -13.83
CA TYR A 836 8.49 -10.89 -12.92
C TYR A 836 8.16 -10.26 -11.57
N GLY A 837 8.98 -10.60 -10.57
CA GLY A 837 8.71 -10.18 -9.21
C GLY A 837 9.18 -8.76 -8.93
N CYS A 838 8.35 -8.03 -8.19
CA CYS A 838 8.67 -6.68 -7.75
C CYS A 838 8.13 -6.49 -6.35
N LEU A 839 8.95 -5.93 -5.46
CA LEU A 839 8.60 -5.80 -4.05
C LEU A 839 9.11 -4.49 -3.50
N SER A 840 8.24 -3.74 -2.82
CA SER A 840 8.61 -2.51 -2.14
C SER A 840 8.87 -2.83 -0.68
N ILE A 841 10.06 -2.46 -0.19
CA ILE A 841 10.50 -2.81 1.15
C ILE A 841 10.76 -1.58 2.01
N GLY A 842 10.32 -0.41 1.57
CA GLY A 842 10.55 0.79 2.34
C GLY A 842 10.23 2.02 1.50
N ASP A 843 10.56 3.18 2.06
CA ASP A 843 10.31 4.46 1.40
C ASP A 843 11.16 4.56 0.15
N CYS A 844 10.56 4.30 -1.02
CA CYS A 844 11.25 4.38 -2.30
C CYS A 844 12.44 3.41 -2.35
N VAL A 845 12.30 2.25 -1.70
CA VAL A 845 13.29 1.19 -1.74
C VAL A 845 12.57 -0.11 -2.07
N GLY A 846 13.12 -0.86 -3.03
CA GLY A 846 12.47 -2.09 -3.45
C GLY A 846 13.41 -2.98 -4.22
N LEU A 847 12.90 -4.18 -4.50
CA LEU A 847 13.63 -5.20 -5.23
C LEU A 847 12.85 -5.58 -6.49
N ILE A 848 13.57 -5.96 -7.55
CA ILE A 848 12.95 -6.39 -8.79
C ILE A 848 13.73 -7.56 -9.35
N GLU A 849 13.02 -8.61 -9.75
CA GLU A 849 13.65 -9.79 -10.34
C GLU A 849 14.19 -9.47 -11.72
N TRP A 850 15.44 -9.86 -11.97
CA TRP A 850 16.11 -9.57 -13.23
C TRP A 850 15.90 -10.74 -14.19
N VAL A 851 15.08 -10.52 -15.21
CA VAL A 851 14.88 -11.54 -16.25
C VAL A 851 16.18 -11.73 -17.01
N ARG A 852 16.69 -12.95 -17.00
CA ARG A 852 17.94 -13.25 -17.68
C ARG A 852 17.70 -13.38 -19.18
N ASN A 853 18.68 -12.89 -19.96
CA ASN A 853 18.71 -13.02 -21.42
C ASN A 853 17.80 -12.04 -22.13
N SER A 854 17.36 -10.98 -21.46
CA SER A 854 16.48 -9.99 -22.07
C SER A 854 17.27 -8.76 -22.51
N HIS A 855 16.83 -8.15 -23.61
CA HIS A 855 17.43 -6.92 -24.12
C HIS A 855 16.31 -6.01 -24.62
N THR A 856 16.53 -4.71 -24.50
CA THR A 856 15.53 -3.75 -24.93
C THR A 856 15.42 -3.73 -26.44
N ILE A 857 14.24 -3.34 -26.94
CA ILE A 857 14.03 -3.22 -28.38
C ILE A 857 15.00 -2.22 -28.99
N MET A 858 15.52 -1.29 -28.19
CA MET A 858 16.57 -0.39 -28.67
C MET A 858 17.92 -1.08 -28.69
N GLN A 859 18.18 -1.98 -27.73
CA GLN A 859 19.41 -2.76 -27.77
C GLN A 859 19.41 -3.74 -28.94
N ILE A 860 18.24 -4.25 -29.33
CA ILE A 860 18.17 -5.19 -30.45
C ILE A 860 18.46 -4.47 -31.76
N GLN A 861 18.04 -3.21 -31.87
CA GLN A 861 18.23 -2.45 -33.10
C GLN A 861 19.63 -1.86 -33.22
N CYS A 862 20.50 -2.08 -32.24
CA CYS A 862 21.88 -1.60 -32.31
C CYS A 862 22.84 -2.77 -32.44
N ASN A 873 16.67 -0.87 -39.10
CA ASN A 873 15.87 -1.65 -40.04
C ASN A 873 14.56 -2.12 -39.40
N SER A 874 13.53 -2.31 -40.22
CA SER A 874 12.25 -2.78 -39.70
C SER A 874 12.32 -4.25 -39.32
N HIS A 875 13.03 -5.06 -40.09
CA HIS A 875 13.17 -6.48 -39.82
C HIS A 875 14.24 -6.80 -38.79
N THR A 876 14.93 -5.79 -38.26
CA THR A 876 15.98 -6.05 -37.29
C THR A 876 15.47 -6.87 -36.11
N LEU A 877 14.29 -6.52 -35.60
CA LEU A 877 13.73 -7.26 -34.48
C LEU A 877 13.43 -8.71 -34.84
N HIS A 878 13.02 -8.97 -36.09
CA HIS A 878 12.67 -10.32 -36.49
C HIS A 878 13.92 -11.15 -36.81
N GLN A 879 14.93 -10.54 -37.43
CA GLN A 879 16.15 -11.27 -37.71
C GLN A 879 16.88 -11.65 -36.43
N TRP A 880 16.75 -10.84 -35.38
CA TRP A 880 17.34 -11.19 -34.09
C TRP A 880 16.70 -12.45 -33.52
N LEU A 881 15.37 -12.53 -33.56
CA LEU A 881 14.70 -13.74 -33.09
C LEU A 881 15.02 -14.94 -33.98
N LYS A 882 15.21 -14.72 -35.27
CA LYS A 882 15.67 -15.80 -36.14
C LYS A 882 16.95 -16.42 -35.61
N ASP A 883 17.80 -15.60 -34.99
CA ASP A 883 18.99 -16.08 -34.31
C ASP A 883 18.69 -16.32 -32.85
N LYS A 884 19.48 -17.19 -32.21
CA LYS A 884 19.24 -17.58 -30.83
C LYS A 884 17.97 -18.43 -30.69
N ASN A 885 17.25 -18.58 -31.80
CA ASN A 885 16.08 -19.43 -31.86
C ASN A 885 15.84 -19.92 -33.28
N LYS A 886 16.91 -20.32 -33.97
CA LYS A 886 16.83 -20.74 -35.36
C LYS A 886 16.47 -22.22 -35.44
N GLY A 887 15.81 -22.60 -36.52
CA GLY A 887 15.50 -23.98 -36.79
C GLY A 887 14.12 -24.42 -36.30
N GLU A 888 14.02 -25.66 -35.83
CA GLU A 888 12.75 -26.21 -35.38
C GLU A 888 12.16 -25.42 -34.22
N ILE A 889 13.00 -24.72 -33.44
CA ILE A 889 12.51 -23.91 -32.33
C ILE A 889 12.01 -22.54 -32.76
N TYR A 890 12.03 -22.24 -34.06
CA TYR A 890 11.59 -20.93 -34.53
C TYR A 890 10.12 -20.69 -34.23
N ASP A 891 9.26 -21.65 -34.58
CA ASP A 891 7.83 -21.49 -34.36
C ASP A 891 7.48 -21.29 -32.90
N ALA A 892 8.35 -21.73 -31.97
CA ALA A 892 8.10 -21.52 -30.56
C ALA A 892 8.36 -20.07 -30.16
N ALA A 893 9.49 -19.51 -30.61
CA ALA A 893 9.81 -18.12 -30.28
C ALA A 893 8.75 -17.17 -30.82
N ILE A 894 8.29 -17.40 -32.05
CA ILE A 894 7.26 -16.54 -32.63
C ILE A 894 5.96 -16.67 -31.84
N ASP A 895 5.59 -17.90 -31.49
CA ASP A 895 4.35 -18.10 -30.73
C ASP A 895 4.39 -17.39 -29.39
N LEU A 896 5.58 -17.32 -28.76
CA LEU A 896 5.68 -16.64 -27.48
C LEU A 896 5.65 -15.12 -27.66
N PHE A 897 6.38 -14.61 -28.65
CA PHE A 897 6.37 -13.17 -28.92
C PHE A 897 4.97 -12.69 -29.24
N THR A 898 4.20 -13.48 -29.97
CA THR A 898 2.84 -13.08 -30.31
C THR A 898 1.92 -13.17 -29.09
N ARG A 899 1.94 -14.31 -28.40
CA ARG A 899 1.07 -14.49 -27.24
C ARG A 899 1.40 -13.48 -26.15
N SER A 900 2.63 -12.96 -26.13
CA SER A 900 2.98 -11.94 -25.14
C SER A 900 2.54 -10.56 -25.60
N CYS A 901 2.63 -10.29 -26.90
CA CYS A 901 2.13 -9.02 -27.42
C CYS A 901 0.63 -8.87 -27.14
N ALA A 902 -0.12 -9.96 -27.27
CA ALA A 902 -1.56 -9.90 -27.05
C ALA A 902 -1.86 -9.54 -25.58
N GLY A 903 -1.27 -10.29 -24.64
CA GLY A 903 -1.52 -10.02 -23.24
C GLY A 903 -1.08 -8.63 -22.83
N TYR A 904 0.08 -8.19 -23.31
CA TYR A 904 0.58 -6.86 -22.96
C TYR A 904 -0.23 -5.77 -23.65
N CYS A 905 -0.59 -5.98 -24.93
CA CYS A 905 -1.36 -4.98 -25.65
C CYS A 905 -2.74 -4.77 -25.02
N VAL A 906 -3.33 -5.82 -24.48
CA VAL A 906 -4.64 -5.70 -23.85
C VAL A 906 -4.50 -5.18 -22.42
N ALA A 907 -3.51 -5.68 -21.68
CA ALA A 907 -3.35 -5.26 -20.29
C ALA A 907 -2.99 -3.78 -20.19
N THR A 908 -2.14 -3.29 -21.10
CA THR A 908 -1.73 -1.89 -21.04
C THR A 908 -2.88 -0.96 -21.39
N PHE A 909 -3.70 -1.34 -22.38
CA PHE A 909 -4.83 -0.49 -22.76
C PHE A 909 -5.88 -0.43 -21.67
N ILE A 910 -6.17 -1.57 -21.04
CA ILE A 910 -7.19 -1.60 -19.99
C ILE A 910 -6.79 -0.73 -18.82
N LEU A 911 -5.50 -0.73 -18.46
CA LEU A 911 -5.03 -0.05 -17.27
C LEU A 911 -4.54 1.36 -17.54
N GLY A 912 -4.06 1.63 -18.75
CA GLY A 912 -3.55 2.96 -19.07
C GLY A 912 -2.10 3.14 -18.69
N ILE A 913 -1.29 2.10 -18.92
CA ILE A 913 0.13 2.17 -18.57
C ILE A 913 0.79 3.30 -19.34
N GLY A 914 1.82 3.89 -18.73
CA GLY A 914 2.59 4.94 -19.38
C GLY A 914 3.06 4.52 -20.76
N ASP A 915 3.16 5.47 -21.67
CA ASP A 915 3.51 5.16 -23.05
C ASP A 915 4.74 4.25 -23.11
N ARG A 916 4.72 3.32 -24.06
CA ARG A 916 5.83 2.42 -24.29
C ARG A 916 6.65 2.89 -25.48
N HIS A 917 7.90 2.43 -25.53
CA HIS A 917 8.81 2.78 -26.61
C HIS A 917 9.87 1.68 -26.69
N ASN A 918 10.91 1.93 -27.48
CA ASN A 918 11.97 0.94 -27.64
C ASN A 918 12.82 0.76 -26.38
N SER A 919 12.56 1.53 -25.33
CA SER A 919 13.30 1.40 -24.08
C SER A 919 12.49 0.78 -22.95
N ASN A 920 11.16 0.97 -22.94
CA ASN A 920 10.32 0.31 -21.95
C ASN A 920 10.03 -1.13 -22.28
N ILE A 921 10.18 -1.53 -23.54
CA ILE A 921 9.86 -2.87 -24.00
C ILE A 921 11.15 -3.65 -24.19
N MET A 922 11.14 -4.92 -23.79
CA MET A 922 12.31 -5.77 -23.91
C MET A 922 11.90 -7.14 -24.43
N VAL A 923 12.85 -7.81 -25.06
CA VAL A 923 12.65 -9.15 -25.61
C VAL A 923 13.74 -10.07 -25.07
N LYS A 924 13.34 -11.25 -24.64
CA LYS A 924 14.25 -12.28 -24.21
C LYS A 924 14.60 -13.20 -25.37
N ASP A 925 15.77 -13.86 -25.28
CA ASP A 925 16.11 -14.86 -26.27
C ASP A 925 14.97 -15.82 -26.49
N ASP A 926 14.20 -16.09 -25.44
CA ASP A 926 13.02 -16.95 -25.52
C ASP A 926 11.99 -16.44 -26.53
N GLY A 927 12.11 -15.19 -26.98
CA GLY A 927 11.02 -14.55 -27.67
C GLY A 927 9.97 -13.97 -26.75
N GLN A 928 10.21 -14.00 -25.45
CA GLN A 928 9.27 -13.49 -24.46
C GLN A 928 9.35 -11.97 -24.39
N LEU A 929 8.19 -11.32 -24.39
CA LEU A 929 8.12 -9.87 -24.28
C LEU A 929 8.11 -9.49 -22.80
N VAL A 930 8.90 -8.47 -22.46
CA VAL A 930 9.02 -8.03 -21.08
C VAL A 930 8.97 -6.51 -21.00
N HIS A 931 7.80 -5.97 -20.63
CA HIS A 931 7.69 -4.54 -20.37
C HIS A 931 8.28 -4.21 -19.01
N ILE A 932 8.85 -3.01 -18.90
CA ILE A 932 9.48 -2.56 -17.67
C ILE A 932 9.15 -1.10 -17.43
N ASP A 933 9.25 -0.69 -16.17
CA ASP A 933 9.00 0.68 -15.76
C ASP A 933 7.65 1.17 -16.28
N PHE A 934 6.59 0.56 -15.73
CA PHE A 934 5.24 0.99 -16.06
C PHE A 934 4.98 2.40 -15.58
N GLY A 935 5.21 2.65 -14.29
CA GLY A 935 5.01 3.96 -13.72
C GLY A 935 3.54 4.34 -13.59
N HIS A 936 3.13 5.37 -14.33
CA HIS A 936 1.77 5.86 -14.22
C HIS A 936 0.77 4.84 -14.76
N PHE A 937 -0.48 4.98 -14.32
CA PHE A 937 -1.59 4.26 -14.92
C PHE A 937 -2.87 5.01 -14.61
N LEU A 938 -3.95 4.60 -15.27
CA LEU A 938 -5.24 5.28 -15.16
C LEU A 938 -5.19 6.65 -15.82
N ASP A 939 -6.03 7.57 -15.37
CA ASP A 939 -6.14 8.90 -15.98
C ASP A 939 -5.10 9.85 -15.38
N HIS A 940 -3.84 9.50 -15.58
CA HIS A 940 -2.74 10.31 -15.05
C HIS A 940 -2.39 11.48 -15.96
N LYS A 941 -2.69 11.39 -17.25
CA LYS A 941 -2.43 12.48 -18.18
C LYS A 941 -3.57 13.46 -18.28
N LYS A 942 -4.74 13.15 -17.72
CA LYS A 942 -5.86 14.08 -17.77
C LYS A 942 -5.62 15.31 -16.90
N LYS A 943 -4.85 15.16 -15.82
CA LYS A 943 -4.53 16.30 -14.97
C LYS A 943 -3.49 17.20 -15.60
N LYS A 944 -2.60 16.65 -16.44
CA LYS A 944 -1.58 17.45 -17.09
C LYS A 944 -2.13 18.15 -18.33
N PHE A 945 -2.69 17.37 -19.26
CA PHE A 945 -3.37 17.90 -20.44
C PHE A 945 -4.81 17.41 -20.40
N GLY A 946 -5.74 18.36 -20.43
CA GLY A 946 -7.15 18.03 -20.28
C GLY A 946 -7.78 17.31 -21.46
N TYR A 947 -7.20 16.18 -21.85
CA TYR A 947 -7.72 15.38 -22.95
C TYR A 947 -8.59 14.26 -22.40
N LYS A 948 -9.80 14.13 -22.94
CA LYS A 948 -10.74 13.09 -22.53
C LYS A 948 -10.71 11.90 -23.48
N ARG A 949 -9.53 11.43 -23.86
CA ARG A 949 -9.38 10.31 -24.77
C ARG A 949 -8.69 9.16 -24.05
N GLU A 950 -9.14 7.94 -24.34
CA GLU A 950 -8.46 6.75 -23.85
C GLU A 950 -7.28 6.43 -24.76
N ARG A 951 -6.10 6.31 -24.17
CA ARG A 951 -4.87 6.15 -24.92
C ARG A 951 -4.58 4.68 -25.20
N VAL A 952 -3.92 4.43 -26.33
CA VAL A 952 -3.41 3.10 -26.65
C VAL A 952 -1.91 3.11 -26.38
N PRO A 953 -1.47 2.79 -25.17
CA PRO A 953 -0.05 2.95 -24.83
C PRO A 953 0.88 2.06 -25.64
N PHE A 954 0.54 0.79 -25.78
CA PHE A 954 1.37 -0.16 -26.52
C PHE A 954 0.79 -0.31 -27.93
N VAL A 955 1.38 0.42 -28.87
CA VAL A 955 1.01 0.34 -30.28
C VAL A 955 2.03 -0.54 -30.98
N LEU A 956 1.59 -1.71 -31.44
CA LEU A 956 2.48 -2.58 -32.21
C LEU A 956 3.00 -1.84 -33.43
N THR A 957 4.31 -1.67 -33.48
CA THR A 957 4.93 -1.02 -34.62
C THR A 957 5.11 -2.00 -35.78
N GLN A 958 5.56 -1.48 -36.92
CA GLN A 958 5.86 -2.36 -38.05
C GLN A 958 6.84 -3.44 -37.65
N ASP A 959 7.85 -3.09 -36.86
CA ASP A 959 8.82 -4.08 -36.39
C ASP A 959 8.13 -5.21 -35.64
N PHE A 960 7.17 -4.88 -34.78
CA PHE A 960 6.47 -5.90 -34.01
C PHE A 960 5.55 -6.74 -34.89
N LEU A 961 4.89 -6.11 -35.87
CA LEU A 961 3.99 -6.86 -36.74
C LEU A 961 4.76 -7.80 -37.66
N ILE A 962 5.97 -7.42 -38.08
CA ILE A 962 6.78 -8.31 -38.90
C ILE A 962 7.12 -9.58 -38.14
N VAL A 963 7.37 -9.46 -36.83
CA VAL A 963 7.71 -10.64 -36.04
C VAL A 963 6.51 -11.56 -35.90
N ILE A 964 5.31 -11.00 -35.72
CA ILE A 964 4.13 -11.82 -35.53
C ILE A 964 3.79 -12.60 -36.81
N SER A 965 4.00 -11.99 -37.97
CA SER A 965 3.66 -12.60 -39.25
C SER A 965 4.81 -13.44 -39.82
N LYS A 966 5.81 -13.77 -39.00
CA LYS A 966 6.93 -14.60 -39.44
C LYS A 966 7.66 -13.97 -40.62
N GLY A 967 7.70 -12.64 -40.67
CA GLY A 967 8.44 -11.93 -41.69
C GLY A 967 7.69 -11.65 -42.98
N ALA A 968 6.39 -11.91 -43.02
CA ALA A 968 5.62 -11.74 -44.24
C ALA A 968 5.22 -10.28 -44.42
N GLN A 969 5.42 -9.76 -45.64
CA GLN A 969 4.94 -8.43 -45.97
C GLN A 969 3.41 -8.43 -45.98
N GLU A 970 2.83 -7.23 -45.98
CA GLU A 970 1.40 -7.07 -45.79
C GLU A 970 0.95 -7.80 -44.53
N CYS A 971 1.56 -7.39 -43.40
CA CYS A 971 1.41 -8.13 -42.16
C CYS A 971 -0.03 -8.18 -41.69
N THR A 972 -0.84 -7.16 -42.02
CA THR A 972 -2.23 -7.14 -41.61
C THR A 972 -3.06 -8.21 -42.31
N LYS A 973 -2.56 -8.75 -43.43
CA LYS A 973 -3.32 -9.75 -44.18
C LYS A 973 -2.67 -11.13 -44.07
N THR A 974 -2.47 -11.61 -42.85
CA THR A 974 -1.89 -12.92 -42.61
C THR A 974 -2.72 -13.68 -41.58
N ARG A 975 -2.66 -15.01 -41.67
CA ARG A 975 -3.38 -15.83 -40.71
C ARG A 975 -2.86 -15.64 -39.29
N GLU A 976 -1.56 -15.36 -39.15
CA GLU A 976 -1.00 -15.14 -37.82
C GLU A 976 -1.59 -13.89 -37.17
N PHE A 977 -1.69 -12.80 -37.94
CA PHE A 977 -2.31 -11.59 -37.39
C PHE A 977 -3.78 -11.81 -37.11
N GLU A 978 -4.44 -12.68 -37.86
CA GLU A 978 -5.82 -13.05 -37.55
C GLU A 978 -5.90 -13.71 -36.18
N ARG A 979 -5.03 -14.70 -35.93
CA ARG A 979 -5.02 -15.34 -34.62
C ARG A 979 -4.56 -14.39 -33.53
N PHE A 980 -3.67 -13.45 -33.86
CA PHE A 980 -3.25 -12.46 -32.88
C PHE A 980 -4.44 -11.61 -32.43
N GLN A 981 -5.21 -11.11 -33.38
CA GLN A 981 -6.40 -10.34 -33.04
C GLN A 981 -7.36 -11.16 -32.19
N GLU A 982 -7.53 -12.44 -32.51
CA GLU A 982 -8.43 -13.30 -31.74
C GLU A 982 -8.04 -13.30 -30.27
N MET A 983 -6.74 -13.48 -29.99
CA MET A 983 -6.29 -13.50 -28.60
C MET A 983 -6.60 -12.17 -27.91
N CYS A 984 -6.41 -11.05 -28.60
CA CYS A 984 -6.70 -9.76 -28.01
C CYS A 984 -8.19 -9.61 -27.70
N TYR A 985 -9.04 -9.95 -28.67
CA TYR A 985 -10.47 -9.87 -28.45
C TYR A 985 -10.90 -10.81 -27.34
N LYS A 986 -10.37 -12.04 -27.32
CA LYS A 986 -10.73 -12.98 -26.28
C LYS A 986 -10.19 -12.55 -24.92
N ALA A 987 -8.99 -11.96 -24.90
CA ALA A 987 -8.42 -11.50 -23.65
C ALA A 987 -9.11 -10.23 -23.15
N TYR A 988 -9.48 -9.32 -24.06
CA TYR A 988 -10.17 -8.10 -23.67
C TYR A 988 -11.56 -8.41 -23.11
N LEU A 989 -12.31 -9.28 -23.79
CA LEU A 989 -13.62 -9.68 -23.28
C LEU A 989 -13.47 -10.45 -21.98
N ALA A 990 -12.49 -11.35 -21.90
CA ALA A 990 -12.27 -12.13 -20.69
C ALA A 990 -12.11 -11.22 -19.48
N ILE A 991 -11.22 -10.23 -19.58
CA ILE A 991 -11.05 -9.28 -18.48
C ILE A 991 -12.35 -8.50 -18.25
N ARG A 992 -12.98 -8.04 -19.34
CA ARG A 992 -14.24 -7.33 -19.20
C ARG A 992 -15.27 -8.14 -18.44
N GLN A 993 -15.24 -9.47 -18.57
CA GLN A 993 -16.16 -10.31 -17.83
C GLN A 993 -15.87 -10.27 -16.33
N HIS A 994 -14.62 -10.06 -15.95
CA HIS A 994 -14.21 -10.00 -14.55
C HIS A 994 -13.99 -8.57 -14.06
N ALA A 995 -14.73 -7.61 -14.62
CA ALA A 995 -14.52 -6.22 -14.25
C ALA A 995 -14.91 -5.92 -12.81
N ASN A 996 -15.77 -6.73 -12.20
CA ASN A 996 -16.08 -6.54 -10.78
C ASN A 996 -14.85 -6.77 -9.92
N LEU A 997 -14.04 -7.77 -10.26
CA LEU A 997 -12.84 -8.06 -9.47
C LEU A 997 -11.86 -6.89 -9.52
N PHE A 998 -11.59 -6.37 -10.72
CA PHE A 998 -10.58 -5.34 -10.86
C PHE A 998 -11.03 -3.99 -10.31
N ILE A 999 -12.34 -3.69 -10.39
CA ILE A 999 -12.81 -2.44 -9.81
C ILE A 999 -12.74 -2.49 -8.29
N ASN A 1000 -12.92 -3.67 -7.69
CA ASN A 1000 -12.79 -3.79 -6.24
C ASN A 1000 -11.34 -3.72 -5.82
N LEU A 1001 -10.43 -4.32 -6.60
CA LEU A 1001 -9.02 -4.30 -6.25
C LEU A 1001 -8.49 -2.87 -6.16
N PHE A 1002 -8.81 -2.05 -7.16
CA PHE A 1002 -8.43 -0.64 -7.09
C PHE A 1002 -9.19 0.09 -5.99
N SER A 1003 -10.45 -0.27 -5.76
CA SER A 1003 -11.22 0.38 -4.69
C SER A 1003 -10.55 0.17 -3.33
N MET A 1004 -9.98 -1.01 -3.11
CA MET A 1004 -9.28 -1.30 -1.87
C MET A 1004 -7.92 -0.61 -1.78
N MET A 1005 -7.53 0.16 -2.79
CA MET A 1005 -6.24 0.84 -2.81
C MET A 1005 -6.39 2.36 -2.75
N LEU A 1006 -7.58 2.87 -2.45
CA LEU A 1006 -7.77 4.32 -2.46
C LEU A 1006 -7.07 5.00 -1.29
N GLY A 1007 -6.92 4.29 -0.16
CA GLY A 1007 -6.23 4.86 0.98
C GLY A 1007 -4.78 4.47 1.04
N SER A 1008 -4.23 4.01 -0.09
CA SER A 1008 -2.85 3.56 -0.12
C SER A 1008 -1.87 4.73 -0.13
N GLY A 1009 -2.09 5.71 -1.00
CA GLY A 1009 -1.23 6.87 -1.06
C GLY A 1009 -0.59 7.08 -2.42
N MET A 1010 -1.13 6.43 -3.44
CA MET A 1010 -0.63 6.64 -4.79
C MET A 1010 -1.34 7.84 -5.42
N PRO A 1011 -0.60 8.80 -5.96
CA PRO A 1011 -1.26 10.04 -6.42
C PRO A 1011 -2.27 9.82 -7.54
N GLU A 1012 -2.07 8.78 -8.36
CA GLU A 1012 -2.94 8.49 -9.49
C GLU A 1012 -4.07 7.54 -9.11
N LEU A 1013 -4.35 7.40 -7.82
CA LEU A 1013 -5.36 6.47 -7.35
C LEU A 1013 -5.87 6.95 -6.01
N GLN A 1014 -6.66 8.02 -6.00
CA GLN A 1014 -7.14 8.67 -4.79
C GLN A 1014 -8.65 8.59 -4.62
N SER A 1015 -9.41 9.03 -5.61
CA SER A 1015 -10.87 9.01 -5.54
C SER A 1015 -11.43 7.99 -6.52
N PHE A 1016 -12.64 7.51 -6.23
CA PHE A 1016 -13.31 6.57 -7.12
C PHE A 1016 -13.38 7.10 -8.55
N ASP A 1017 -13.27 8.41 -8.75
CA ASP A 1017 -13.28 8.96 -10.10
C ASP A 1017 -11.99 8.68 -10.85
N ASP A 1018 -10.92 8.30 -10.15
CA ASP A 1018 -9.72 7.83 -10.83
C ASP A 1018 -9.89 6.41 -11.36
N ILE A 1019 -10.66 5.58 -10.64
CA ILE A 1019 -10.91 4.22 -11.09
C ILE A 1019 -11.86 4.17 -12.28
N ALA A 1020 -12.64 5.23 -12.50
CA ALA A 1020 -13.55 5.26 -13.63
C ALA A 1020 -12.85 5.12 -14.97
N TYR A 1021 -11.53 5.28 -15.01
CA TYR A 1021 -10.81 5.13 -16.27
C TYR A 1021 -10.95 3.71 -16.81
N ILE A 1022 -10.83 2.71 -15.94
CA ILE A 1022 -10.96 1.33 -16.39
C ILE A 1022 -12.42 0.98 -16.65
N ARG A 1023 -13.36 1.75 -16.11
CA ARG A 1023 -14.76 1.58 -16.49
C ARG A 1023 -15.01 2.02 -17.93
N LYS A 1024 -14.12 2.81 -18.50
CA LYS A 1024 -14.22 3.25 -19.89
C LYS A 1024 -13.43 2.37 -20.85
N THR A 1025 -12.20 1.99 -20.50
CA THR A 1025 -11.43 1.11 -21.36
C THR A 1025 -12.06 -0.26 -21.49
N LEU A 1026 -12.93 -0.64 -20.56
CA LEU A 1026 -13.70 -1.88 -20.66
C LEU A 1026 -15.11 -1.66 -21.20
N ALA A 1027 -15.48 -0.41 -21.50
CA ALA A 1027 -16.79 -0.09 -22.06
C ALA A 1027 -17.90 -0.79 -21.28
N LEU A 1028 -17.84 -0.65 -19.94
CA LEU A 1028 -18.79 -1.36 -19.09
C LEU A 1028 -20.20 -0.86 -19.28
N ASP A 1029 -20.38 0.43 -19.59
CA ASP A 1029 -21.71 0.99 -19.82
C ASP A 1029 -22.22 0.70 -21.22
N LYS A 1030 -21.57 -0.19 -21.96
CA LYS A 1030 -22.02 -0.63 -23.27
C LYS A 1030 -22.27 -2.14 -23.25
N THR A 1031 -22.81 -2.65 -24.34
CA THR A 1031 -23.03 -4.08 -24.45
C THR A 1031 -21.73 -4.78 -24.87
N GLU A 1032 -21.64 -6.07 -24.54
CA GLU A 1032 -20.44 -6.83 -24.89
C GLU A 1032 -20.17 -6.79 -26.38
N GLN A 1033 -21.22 -6.69 -27.21
CA GLN A 1033 -21.02 -6.51 -28.64
C GLN A 1033 -20.50 -5.10 -28.94
N GLU A 1034 -20.99 -4.10 -28.21
CA GLU A 1034 -20.52 -2.73 -28.41
C GLU A 1034 -19.14 -2.51 -27.83
N ALA A 1035 -18.77 -3.23 -26.77
CA ALA A 1035 -17.45 -3.07 -26.17
C ALA A 1035 -16.36 -3.62 -27.08
N LEU A 1036 -16.59 -4.79 -27.69
CA LEU A 1036 -15.63 -5.32 -28.65
C LEU A 1036 -15.50 -4.41 -29.86
N GLU A 1037 -16.60 -3.76 -30.25
CA GLU A 1037 -16.53 -2.78 -31.34
C GLU A 1037 -15.80 -1.53 -30.92
N TYR A 1038 -15.84 -1.19 -29.62
CA TYR A 1038 -15.09 -0.06 -29.12
C TYR A 1038 -13.59 -0.38 -29.07
N PHE A 1039 -13.24 -1.56 -28.57
CA PHE A 1039 -11.85 -1.98 -28.56
C PHE A 1039 -11.26 -1.98 -29.96
N MET A 1040 -11.98 -2.57 -30.92
CA MET A 1040 -11.52 -2.55 -32.30
C MET A 1040 -11.31 -1.13 -32.78
N LYS A 1041 -12.30 -0.25 -32.55
CA LYS A 1041 -12.17 1.14 -32.99
C LYS A 1041 -10.94 1.79 -32.37
N GLN A 1042 -10.74 1.59 -31.06
CA GLN A 1042 -9.57 2.16 -30.40
C GLN A 1042 -8.29 1.62 -30.99
N MET A 1043 -8.20 0.30 -31.16
CA MET A 1043 -6.98 -0.29 -31.72
C MET A 1043 -6.78 0.10 -33.18
N ASN A 1044 -7.87 0.22 -33.94
CA ASN A 1044 -7.75 0.54 -35.35
C ASN A 1044 -7.35 2.01 -35.56
N ASP A 1045 -7.79 2.90 -34.67
CA ASP A 1045 -7.40 4.30 -34.79
C ASP A 1045 -5.95 4.53 -34.35
N ALA A 1046 -5.42 3.70 -33.46
CA ALA A 1046 -4.05 3.83 -32.99
C ALA A 1046 -3.06 3.08 -33.87
N HIS A 1047 -3.49 2.03 -34.54
CA HIS A 1047 -2.64 1.26 -35.45
C HIS A 1047 -2.80 1.68 -36.91
N HIS A 1048 -3.64 2.67 -37.19
CA HIS A 1048 -3.80 3.23 -38.54
C HIS A 1048 -4.36 2.17 -39.49
N GLY A 1049 -5.51 1.61 -39.12
CA GLY A 1049 -6.17 0.61 -39.93
C GLY A 1049 -5.51 -0.76 -39.84
N GLY A 1050 -6.30 -1.81 -40.10
CA GLY A 1050 -5.78 -3.15 -40.07
C GLY A 1050 -6.62 -4.12 -39.27
N TRP A 1051 -7.24 -3.64 -38.20
CA TRP A 1051 -8.07 -4.48 -37.34
C TRP A 1051 -9.44 -4.68 -37.98
N THR A 1052 -9.76 -5.93 -38.32
CA THR A 1052 -10.99 -6.27 -39.01
C THR A 1052 -11.88 -7.14 -38.12
N THR A 1053 -13.14 -7.23 -38.52
CA THR A 1053 -14.15 -7.99 -37.78
C THR A 1053 -14.60 -9.18 -38.60
N LYS A 1054 -14.59 -10.36 -37.99
CA LYS A 1054 -15.00 -11.58 -38.67
C LYS A 1054 -16.03 -12.35 -37.83
N SER B 27 -38.50 25.91 -23.36
CA SER B 27 -38.16 25.48 -24.70
C SER B 27 -37.61 24.05 -24.70
N LEU B 28 -36.88 23.68 -25.75
CA LEU B 28 -36.35 22.34 -25.91
C LEU B 28 -34.84 22.42 -26.04
N GLN B 29 -34.12 21.69 -25.17
CA GLN B 29 -32.66 21.71 -25.14
C GLN B 29 -32.10 23.13 -25.08
N ASP B 30 -32.92 24.08 -24.64
CA ASP B 30 -32.49 25.46 -24.47
C ASP B 30 -32.45 25.89 -23.01
N ALA B 31 -33.20 25.24 -22.13
CA ALA B 31 -33.09 25.52 -20.71
C ALA B 31 -31.64 25.37 -20.22
N GLU B 32 -31.35 26.05 -19.13
CA GLU B 32 -29.98 26.09 -18.65
C GLU B 32 -29.56 24.81 -17.94
N TRP B 33 -30.50 24.13 -17.28
CA TRP B 33 -30.14 22.94 -16.51
C TRP B 33 -29.86 21.72 -17.38
N TYR B 34 -30.09 21.79 -18.69
CA TYR B 34 -29.79 20.67 -19.57
C TYR B 34 -28.35 20.81 -20.05
N TRP B 35 -27.51 19.87 -19.64
CA TRP B 35 -26.08 19.91 -19.96
C TRP B 35 -25.68 18.83 -20.95
N GLY B 36 -26.65 18.22 -21.64
CA GLY B 36 -26.34 17.25 -22.68
C GLY B 36 -25.56 16.05 -22.22
N ASP B 37 -24.34 15.88 -22.74
CA ASP B 37 -23.59 14.66 -22.53
C ASP B 37 -22.45 14.84 -21.53
N ILE B 38 -22.74 15.40 -20.37
CA ILE B 38 -21.73 15.49 -19.31
C ILE B 38 -21.69 14.17 -18.57
N SER B 39 -20.52 13.86 -18.00
CA SER B 39 -20.33 12.63 -17.26
C SER B 39 -20.72 12.82 -15.79
N ARG B 40 -20.79 11.71 -15.06
CA ARG B 40 -21.08 11.78 -13.64
C ARG B 40 -20.02 12.61 -12.92
N GLU B 41 -18.76 12.45 -13.31
CA GLU B 41 -17.69 13.24 -12.69
C GLU B 41 -17.90 14.72 -12.92
N GLU B 42 -18.31 15.11 -14.13
CA GLU B 42 -18.61 16.51 -14.40
C GLU B 42 -19.74 17.01 -13.52
N VAL B 43 -20.70 16.14 -13.18
CA VAL B 43 -21.80 16.53 -12.30
C VAL B 43 -21.31 16.63 -10.87
N ASN B 44 -20.53 15.64 -10.42
CA ASN B 44 -20.03 15.65 -9.04
C ASN B 44 -19.21 16.91 -8.76
N GLU B 45 -18.39 17.33 -9.73
CA GLU B 45 -17.64 18.57 -9.55
C GLU B 45 -18.56 19.78 -9.59
N LYS B 46 -19.55 19.77 -10.49
CA LYS B 46 -20.53 20.85 -10.55
C LYS B 46 -21.45 20.86 -9.34
N LEU B 47 -21.49 19.76 -8.58
CA LEU B 47 -22.32 19.66 -7.38
C LEU B 47 -21.50 19.48 -6.11
N ARG B 48 -20.18 19.56 -6.20
CA ARG B 48 -19.34 19.33 -5.03
C ARG B 48 -19.48 20.48 -4.04
N ASP B 49 -19.83 20.15 -2.80
CA ASP B 49 -20.00 21.14 -1.74
C ASP B 49 -21.11 22.13 -2.08
N THR B 50 -22.15 21.64 -2.74
CA THR B 50 -23.30 22.46 -3.11
C THR B 50 -24.43 22.28 -2.11
N ALA B 51 -25.24 23.32 -1.96
CA ALA B 51 -26.35 23.29 -1.01
C ALA B 51 -27.45 22.36 -1.51
N ASP B 52 -28.16 21.75 -0.57
CA ASP B 52 -29.28 20.88 -0.90
C ASP B 52 -30.28 21.62 -1.78
N GLY B 53 -30.67 20.99 -2.88
CA GLY B 53 -31.56 21.58 -3.86
C GLY B 53 -30.91 21.88 -5.18
N THR B 54 -29.59 22.06 -5.20
CA THR B 54 -28.89 22.27 -6.47
C THR B 54 -29.08 21.06 -7.38
N PHE B 55 -29.53 21.32 -8.60
CA PHE B 55 -29.90 20.24 -9.51
C PHE B 55 -29.44 20.56 -10.92
N LEU B 56 -29.53 19.56 -11.79
CA LEU B 56 -29.17 19.65 -13.20
C LEU B 56 -29.57 18.35 -13.87
N VAL B 57 -29.75 18.40 -15.18
CA VAL B 57 -30.18 17.24 -15.95
C VAL B 57 -29.20 16.97 -17.07
N ARG B 58 -29.01 15.69 -17.38
CA ARG B 58 -28.11 15.25 -18.44
C ARG B 58 -28.70 14.03 -19.12
N ASP B 59 -28.09 13.64 -20.24
CA ASP B 59 -28.55 12.49 -20.98
C ASP B 59 -28.27 11.20 -20.20
N ALA B 60 -28.81 10.09 -20.70
CA ALA B 60 -28.62 8.80 -20.05
C ALA B 60 -27.19 8.33 -20.24
N SER B 61 -26.53 7.99 -19.13
CA SER B 61 -25.18 7.46 -19.22
C SER B 61 -25.14 6.17 -20.03
N THR B 62 -26.24 5.42 -20.06
CA THR B 62 -26.31 4.18 -20.80
C THR B 62 -27.24 4.31 -22.01
N HIS B 65 -32.12 6.51 -28.10
CA HIS B 65 -31.99 6.53 -26.65
C HIS B 65 -32.62 7.79 -26.06
N GLY B 66 -31.80 8.79 -25.80
CA GLY B 66 -32.31 10.06 -25.28
C GLY B 66 -32.94 9.95 -23.92
N ASP B 67 -32.50 9.01 -23.08
CA ASP B 67 -32.95 8.98 -21.70
C ASP B 67 -32.24 10.06 -20.91
N TYR B 68 -32.86 10.47 -19.81
CA TYR B 68 -32.37 11.61 -19.04
C TYR B 68 -32.21 11.24 -17.57
N THR B 69 -31.36 12.01 -16.90
CA THR B 69 -31.01 11.77 -15.50
C THR B 69 -30.94 13.11 -14.78
N LEU B 70 -31.88 13.34 -13.88
CA LEU B 70 -31.81 14.51 -13.01
C LEU B 70 -30.89 14.20 -11.84
N THR B 71 -29.98 15.14 -11.54
CA THR B 71 -29.04 15.00 -10.44
C THR B 71 -29.34 16.06 -9.39
N LEU B 72 -29.63 15.61 -8.16
CA LEU B 72 -30.09 16.49 -7.10
C LEU B 72 -29.19 16.37 -5.88
N ARG B 73 -28.97 17.48 -5.20
CA ARG B 73 -28.14 17.54 -4.00
C ARG B 73 -29.03 17.45 -2.77
N LYS B 74 -28.75 16.48 -1.91
CA LYS B 74 -29.54 16.28 -0.70
C LYS B 74 -28.66 15.63 0.36
N GLY B 75 -28.52 16.30 1.50
CA GLY B 75 -27.72 15.77 2.59
C GLY B 75 -26.28 15.50 2.23
N GLY B 76 -25.65 16.43 1.50
CA GLY B 76 -24.29 16.26 1.06
C GLY B 76 -24.06 15.16 0.04
N ASN B 77 -25.11 14.53 -0.47
CA ASN B 77 -25.02 13.49 -1.47
C ASN B 77 -25.50 14.00 -2.82
N ASN B 78 -25.18 13.24 -3.86
CA ASN B 78 -25.66 13.48 -5.21
C ASN B 78 -26.58 12.34 -5.59
N LYS B 79 -27.88 12.62 -5.63
CA LYS B 79 -28.90 11.61 -5.91
C LYS B 79 -29.26 11.65 -7.39
N LEU B 80 -29.31 10.47 -8.00
CA LEU B 80 -29.61 10.34 -9.42
C LEU B 80 -31.05 9.90 -9.60
N ILE B 81 -31.86 10.75 -10.23
CA ILE B 81 -33.27 10.49 -10.46
C ILE B 81 -33.47 10.33 -11.97
N LYS B 82 -33.66 9.08 -12.42
CA LYS B 82 -33.83 8.82 -13.84
C LYS B 82 -35.17 9.36 -14.32
N ILE B 83 -35.17 9.88 -15.55
CA ILE B 83 -36.37 10.43 -16.17
C ILE B 83 -36.78 9.45 -17.27
N PHE B 84 -37.81 8.65 -17.00
CA PHE B 84 -38.25 7.64 -17.94
C PHE B 84 -39.00 8.28 -19.12
N HIS B 85 -39.12 7.52 -20.20
CA HIS B 85 -39.65 8.04 -21.45
C HIS B 85 -40.47 6.95 -22.14
N ARG B 86 -41.76 7.23 -22.37
CA ARG B 86 -42.62 6.30 -23.10
C ARG B 86 -43.66 7.09 -23.88
N ASP B 87 -43.59 6.99 -25.21
CA ASP B 87 -44.60 7.54 -26.12
C ASP B 87 -44.97 8.98 -25.75
N GLY B 88 -43.96 9.85 -25.78
CA GLY B 88 -44.16 11.28 -25.68
C GLY B 88 -44.50 11.81 -24.30
N LYS B 89 -44.47 10.97 -23.26
CA LYS B 89 -44.73 11.41 -21.90
C LYS B 89 -43.51 11.09 -21.03
N TYR B 90 -43.22 12.00 -20.08
CA TYR B 90 -42.08 11.86 -19.20
C TYR B 90 -42.52 11.83 -17.75
N GLY B 91 -41.73 11.17 -16.93
CA GLY B 91 -42.02 11.07 -15.51
C GLY B 91 -41.04 10.16 -14.82
N PHE B 92 -41.07 10.22 -13.49
CA PHE B 92 -40.18 9.40 -12.67
C PHE B 92 -40.75 8.01 -12.41
N SER B 93 -42.05 7.92 -12.14
CA SER B 93 -42.70 6.67 -11.81
C SER B 93 -43.37 6.09 -13.06
N ASP B 94 -44.20 5.07 -12.86
CA ASP B 94 -44.88 4.40 -13.97
C ASP B 94 -45.95 5.29 -14.57
N PRO B 95 -46.76 5.98 -13.76
CA PRO B 95 -47.72 6.94 -14.32
C PRO B 95 -47.03 8.18 -14.85
N LEU B 96 -46.41 8.08 -16.03
CA LEU B 96 -45.73 9.21 -16.65
C LEU B 96 -46.77 10.25 -17.03
N THR B 97 -46.86 11.32 -16.24
CA THR B 97 -47.86 12.36 -16.44
C THR B 97 -47.35 13.49 -17.33
N PHE B 98 -46.17 14.00 -17.04
CA PHE B 98 -45.68 15.20 -17.70
C PHE B 98 -45.34 14.94 -19.16
N SER B 99 -45.61 15.92 -20.01
CA SER B 99 -45.42 15.80 -21.45
C SER B 99 -44.07 16.31 -21.91
N SER B 100 -43.29 16.95 -21.04
CA SER B 100 -41.98 17.44 -21.42
C SER B 100 -41.10 17.48 -20.17
N VAL B 101 -39.80 17.30 -20.39
CA VAL B 101 -38.85 17.37 -19.28
C VAL B 101 -38.85 18.77 -18.67
N VAL B 102 -39.03 19.80 -19.49
CA VAL B 102 -39.09 21.16 -18.97
C VAL B 102 -40.30 21.32 -18.05
N GLU B 103 -41.43 20.69 -18.42
CA GLU B 103 -42.61 20.74 -17.56
C GLU B 103 -42.39 19.96 -16.27
N LEU B 104 -41.57 18.92 -16.31
CA LEU B 104 -41.30 18.14 -15.10
C LEU B 104 -40.37 18.89 -14.15
N ILE B 105 -39.31 19.51 -14.70
CA ILE B 105 -38.38 20.25 -13.86
C ILE B 105 -39.07 21.47 -13.25
N ASN B 106 -39.85 22.20 -14.06
CA ASN B 106 -40.49 23.42 -13.57
C ASN B 106 -41.52 23.10 -12.49
N HIS B 107 -42.26 22.00 -12.63
CA HIS B 107 -43.26 21.63 -11.63
C HIS B 107 -42.59 21.37 -10.28
N TYR B 108 -41.62 20.47 -10.25
CA TYR B 108 -40.95 20.14 -9.00
C TYR B 108 -39.98 21.21 -8.53
N ARG B 109 -39.73 22.24 -9.34
CA ARG B 109 -39.06 23.43 -8.83
C ARG B 109 -39.95 24.21 -7.87
N ASN B 110 -41.25 23.92 -7.85
CA ASN B 110 -42.19 24.54 -6.92
C ASN B 110 -42.91 23.54 -6.03
N GLU B 111 -42.78 22.25 -6.30
CA GLU B 111 -43.39 21.20 -5.48
C GLU B 111 -42.29 20.28 -4.94
N SER B 112 -42.51 19.79 -3.72
CA SER B 112 -41.51 18.98 -3.05
C SER B 112 -41.44 17.58 -3.64
N LEU B 113 -40.22 17.02 -3.67
CA LEU B 113 -40.01 15.65 -4.13
C LEU B 113 -40.61 14.61 -3.18
N ALA B 114 -41.01 15.01 -1.98
CA ALA B 114 -41.55 14.05 -1.02
C ALA B 114 -42.86 13.44 -1.51
N GLN B 115 -43.65 14.20 -2.28
CA GLN B 115 -44.88 13.65 -2.83
C GLN B 115 -44.61 12.43 -3.69
N TYR B 116 -43.48 12.44 -4.40
CA TYR B 116 -43.08 11.27 -5.20
C TYR B 116 -42.52 10.17 -4.31
N ASN B 117 -41.46 10.48 -3.56
CA ASN B 117 -40.87 9.54 -2.60
C ASN B 117 -40.64 10.29 -1.30
N PRO B 118 -41.30 9.92 -0.21
CA PRO B 118 -41.15 10.68 1.04
C PRO B 118 -39.72 10.77 1.54
N LYS B 119 -38.84 9.84 1.13
CA LYS B 119 -37.46 9.89 1.60
C LYS B 119 -36.76 11.17 1.13
N LEU B 120 -37.04 11.61 -0.09
CA LEU B 120 -36.45 12.83 -0.65
C LEU B 120 -37.43 13.98 -0.43
N ASP B 121 -37.22 14.73 0.64
CA ASP B 121 -38.08 15.85 1.00
C ASP B 121 -37.37 17.17 0.70
N VAL B 122 -37.26 17.48 -0.59
CA VAL B 122 -36.58 18.69 -1.07
C VAL B 122 -37.15 19.03 -2.45
N LYS B 123 -36.83 20.23 -2.92
CA LYS B 123 -37.34 20.71 -4.20
C LYS B 123 -36.18 21.24 -5.04
N LEU B 124 -36.40 21.26 -6.35
CA LEU B 124 -35.43 21.79 -7.30
C LEU B 124 -35.41 23.31 -7.18
N LEU B 125 -34.41 23.84 -6.46
CA LEU B 125 -34.36 25.25 -6.14
C LEU B 125 -33.14 25.98 -6.68
N TYR B 126 -31.99 25.30 -6.80
CA TYR B 126 -30.74 25.93 -7.23
C TYR B 126 -30.31 25.30 -8.56
N PRO B 127 -30.70 25.89 -9.69
CA PRO B 127 -30.33 25.31 -10.99
C PRO B 127 -28.89 25.64 -11.35
N VAL B 128 -28.15 24.61 -11.75
CA VAL B 128 -26.80 24.80 -12.29
C VAL B 128 -26.95 25.19 -13.76
N SER B 129 -26.68 26.45 -14.07
CA SER B 129 -26.90 27.01 -15.39
C SER B 129 -25.62 26.99 -16.22
N LYS B 130 -25.79 26.93 -17.54
CA LYS B 130 -24.65 27.02 -18.45
C LYS B 130 -23.88 28.32 -18.31
N TYR B 131 -24.41 29.29 -17.55
CA TYR B 131 -23.73 30.54 -17.25
C TYR B 131 -22.27 30.30 -16.91
N GLN B 132 -21.99 29.27 -16.11
CA GLN B 132 -20.61 28.97 -15.72
C GLN B 132 -19.79 28.45 -16.91
N GLN B 133 -20.41 27.69 -17.80
CA GLN B 133 -19.69 27.19 -18.97
C GLN B 133 -19.31 28.32 -19.91
N ASP B 134 -20.25 29.21 -20.21
CA ASP B 134 -19.94 30.37 -21.03
C ASP B 134 -19.09 31.40 -20.28
N GLN B 135 -18.94 31.26 -18.97
CA GLN B 135 -18.07 32.13 -18.21
C GLN B 135 -16.60 31.82 -18.51
N VAL B 136 -15.81 32.87 -18.66
CA VAL B 136 -14.38 32.75 -18.87
C VAL B 136 -14.06 32.58 -20.34
N VAL B 137 -15.08 32.34 -21.17
CA VAL B 137 -14.88 32.26 -22.61
C VAL B 137 -14.15 33.50 -23.11
N LYS B 138 -14.77 34.67 -22.89
CA LYS B 138 -14.11 35.94 -23.17
C LYS B 138 -14.00 36.23 -24.66
N GLU B 139 -13.22 35.42 -25.37
CA GLU B 139 -13.02 35.62 -26.80
C GLU B 139 -14.03 34.82 -27.61
N ASP B 140 -14.18 35.21 -28.88
CA ASP B 140 -15.21 34.64 -29.74
C ASP B 140 -14.69 33.98 -31.01
N ASN B 141 -13.43 34.18 -31.38
CA ASN B 141 -12.85 33.56 -32.55
C ASN B 141 -11.92 32.42 -32.15
N ILE B 142 -11.92 31.36 -32.97
CA ILE B 142 -11.14 30.16 -32.64
C ILE B 142 -9.69 30.52 -32.38
N GLU B 143 -9.10 31.36 -33.22
CA GLU B 143 -7.69 31.72 -33.06
C GLU B 143 -7.46 32.41 -31.72
N ALA B 144 -8.28 33.41 -31.40
CA ALA B 144 -8.16 34.08 -30.11
C ALA B 144 -8.31 33.10 -28.97
N VAL B 145 -9.34 32.24 -29.04
CA VAL B 145 -9.52 31.21 -28.03
C VAL B 145 -8.29 30.31 -27.98
N GLY B 146 -7.85 29.82 -29.14
CA GLY B 146 -6.67 28.97 -29.17
C GLY B 146 -5.43 29.70 -28.69
N LYS B 147 -5.21 30.91 -29.18
CA LYS B 147 -4.07 31.70 -28.71
C LYS B 147 -4.13 31.91 -27.20
N LYS B 148 -5.33 32.15 -26.67
CA LYS B 148 -5.48 32.33 -25.23
C LYS B 148 -5.32 31.00 -24.50
N LEU B 149 -5.86 29.92 -25.07
CA LEU B 149 -5.68 28.60 -24.47
C LEU B 149 -4.19 28.24 -24.40
N HIS B 150 -3.42 28.62 -25.41
CA HIS B 150 -1.98 28.34 -25.39
C HIS B 150 -1.29 29.15 -24.31
N GLU B 151 -1.76 30.37 -24.04
CA GLU B 151 -1.18 31.16 -22.95
C GLU B 151 -1.44 30.50 -21.60
N TYR B 152 -2.68 30.08 -21.35
CA TYR B 152 -3.01 29.44 -20.09
C TYR B 152 -2.30 28.10 -19.93
N ASN B 153 -2.28 27.30 -20.98
CA ASN B 153 -1.60 26.01 -20.90
C ASN B 153 -0.11 26.18 -20.58
N THR B 154 0.49 27.28 -21.04
CA THR B 154 1.89 27.54 -20.73
C THR B 154 2.07 27.90 -19.27
N GLN B 155 1.22 28.79 -18.75
CA GLN B 155 1.33 29.18 -17.35
C GLN B 155 1.04 28.01 -16.42
N PHE B 156 0.15 27.09 -16.82
CA PHE B 156 -0.17 25.95 -15.96
C PHE B 156 1.02 25.02 -15.80
N GLN B 157 1.61 24.60 -16.92
CA GLN B 157 2.80 23.74 -16.84
C GLN B 157 3.91 24.42 -16.05
N GLU B 158 4.04 25.75 -16.19
CA GLU B 158 5.08 26.46 -15.47
C GLU B 158 4.77 26.54 -13.98
N LYS B 159 3.49 26.56 -13.60
CA LYS B 159 3.13 26.50 -12.20
C LYS B 159 3.04 25.08 -11.65
N SER B 160 2.91 24.08 -12.53
CA SER B 160 3.00 22.70 -12.09
C SER B 160 4.44 22.32 -11.78
N ARG B 161 5.35 22.62 -12.70
CA ARG B 161 6.77 22.40 -12.41
C ARG B 161 7.20 23.13 -11.15
N GLU B 162 6.73 24.38 -10.98
CA GLU B 162 7.04 25.12 -9.76
C GLU B 162 6.46 24.44 -8.54
N TYR B 163 5.23 23.94 -8.65
CA TYR B 163 4.61 23.25 -7.52
C TYR B 163 5.31 21.93 -7.23
N ASP B 164 5.49 21.09 -8.24
CA ASP B 164 6.15 19.81 -8.03
C ASP B 164 7.55 19.99 -7.46
N ARG B 165 8.26 21.03 -7.91
CA ARG B 165 9.57 21.33 -7.35
C ARG B 165 9.45 21.71 -5.88
N LEU B 166 8.53 22.63 -5.56
CA LEU B 166 8.33 23.05 -4.19
C LEU B 166 7.90 21.88 -3.31
N TYR B 167 7.20 20.90 -3.89
CA TYR B 167 6.74 19.76 -3.11
C TYR B 167 7.91 18.90 -2.63
N GLU B 168 8.92 18.70 -3.48
CA GLU B 168 10.05 17.86 -3.11
C GLU B 168 10.84 18.50 -1.97
N GLU B 169 11.13 19.80 -2.07
CA GLU B 169 11.75 20.48 -0.93
C GLU B 169 10.87 20.36 0.31
N TYR B 170 9.55 20.36 0.13
CA TYR B 170 8.64 20.16 1.24
C TYR B 170 8.82 18.76 1.84
N THR B 171 8.84 17.73 0.99
CA THR B 171 9.03 16.37 1.47
C THR B 171 10.43 16.18 2.04
N ARG B 172 11.45 16.65 1.32
CA ARG B 172 12.82 16.53 1.82
C ARG B 172 12.97 17.22 3.16
N THR B 173 12.52 18.48 3.26
CA THR B 173 12.62 19.21 4.53
C THR B 173 11.91 18.47 5.64
N SER B 174 10.72 17.91 5.36
CA SER B 174 9.97 17.21 6.39
C SER B 174 10.74 16.00 6.90
N GLN B 175 11.43 15.28 6.00
CA GLN B 175 12.16 14.10 6.41
C GLN B 175 13.38 14.45 7.25
N GLU B 176 14.20 15.40 6.78
CA GLU B 176 15.39 15.79 7.52
C GLU B 176 15.04 16.37 8.88
N ILE B 177 13.85 16.94 9.04
CA ILE B 177 13.44 17.43 10.34
C ILE B 177 13.13 16.26 11.28
N GLN B 178 12.47 15.23 10.76
CA GLN B 178 12.24 14.04 11.56
C GLN B 178 13.55 13.41 12.00
N MET B 179 14.53 13.37 11.10
CA MET B 179 15.84 12.83 11.44
C MET B 179 16.48 13.65 12.57
N LYS B 180 16.60 14.96 12.37
CA LYS B 180 17.20 15.81 13.39
C LYS B 180 16.51 15.64 14.73
N ARG B 181 15.18 15.51 14.72
CA ARG B 181 14.46 15.33 15.99
C ARG B 181 14.84 14.03 16.66
N THR B 182 14.92 12.93 15.91
CA THR B 182 15.33 11.66 16.50
C THR B 182 16.75 11.74 17.02
N ALA B 183 17.65 12.39 16.27
CA ALA B 183 19.03 12.54 16.73
C ALA B 183 19.08 13.26 18.07
N ILE B 184 18.31 14.34 18.22
CA ILE B 184 18.28 15.05 19.50
C ILE B 184 17.72 14.16 20.59
N GLU B 185 16.80 13.25 20.24
CA GLU B 185 16.37 12.24 21.21
C GLU B 185 17.55 11.38 21.65
N ALA B 186 18.44 11.05 20.71
CA ALA B 186 19.61 10.24 21.04
C ALA B 186 20.59 11.03 21.90
N PHE B 187 20.80 12.32 21.58
CA PHE B 187 21.71 13.14 22.38
C PHE B 187 21.27 13.18 23.83
N ASN B 188 19.98 13.37 24.09
CA ASN B 188 19.49 13.41 25.46
C ASN B 188 19.78 12.10 26.19
N GLU B 189 19.39 10.97 25.60
CA GLU B 189 19.63 9.69 26.24
C GLU B 189 21.12 9.45 26.48
N THR B 190 21.96 9.86 25.53
CA THR B 190 23.39 9.72 25.71
C THR B 190 23.90 10.57 26.87
N ILE B 191 23.48 11.83 26.91
CA ILE B 191 23.92 12.72 27.98
C ILE B 191 23.51 12.17 29.33
N LYS B 192 22.31 11.58 29.42
CA LYS B 192 21.89 10.96 30.67
C LYS B 192 22.85 9.84 31.09
N ILE B 193 23.36 9.09 30.12
CA ILE B 193 24.32 8.03 30.42
C ILE B 193 25.61 8.63 30.94
N PHE B 194 26.16 9.63 30.25
CA PHE B 194 27.41 10.23 30.69
C PHE B 194 27.26 10.94 32.02
N GLU B 195 26.09 11.54 32.29
CA GLU B 195 25.86 12.13 33.59
C GLU B 195 25.79 11.05 34.67
N GLU B 196 25.13 9.92 34.37
CA GLU B 196 25.18 8.78 35.28
C GLU B 196 26.61 8.39 35.58
N GLN B 197 27.49 8.48 34.58
CA GLN B 197 28.90 8.15 34.79
C GLN B 197 29.52 9.08 35.82
N CYS B 198 29.19 10.37 35.77
CA CYS B 198 29.72 11.32 36.74
C CYS B 198 29.30 10.94 38.15
N GLN B 199 27.99 10.95 38.41
CA GLN B 199 27.49 10.60 39.74
C GLN B 199 28.03 9.25 40.19
N THR B 200 28.22 8.31 39.25
CA THR B 200 28.84 7.04 39.60
C THR B 200 30.27 7.24 40.08
N GLN B 201 31.04 8.07 39.37
CA GLN B 201 32.41 8.32 39.78
C GLN B 201 32.46 9.07 41.10
N GLU B 202 31.52 9.99 41.33
CA GLU B 202 31.51 10.75 42.58
C GLU B 202 31.30 9.82 43.77
N ARG B 203 30.48 8.78 43.61
CA ARG B 203 30.20 7.88 44.73
C ARG B 203 31.44 7.07 45.11
N TYR B 204 32.11 6.47 44.13
CA TYR B 204 33.30 5.69 44.42
C TYR B 204 34.48 6.57 44.81
N SER B 205 34.54 7.80 44.30
CA SER B 205 35.72 8.64 44.48
C SER B 205 35.99 8.90 45.97
N LYS B 206 34.99 9.43 46.68
CA LYS B 206 35.20 9.82 48.07
C LYS B 206 35.81 8.69 48.88
N GLU B 207 35.25 7.48 48.75
CA GLU B 207 35.74 6.34 49.51
C GLU B 207 37.21 6.02 49.23
N TYR B 208 37.80 6.62 48.21
CA TYR B 208 39.19 6.38 47.87
C TYR B 208 40.06 7.62 47.93
N ILE B 209 39.52 8.80 47.62
CA ILE B 209 40.31 10.01 47.74
C ILE B 209 40.55 10.36 49.21
N GLU B 210 39.62 9.98 50.09
CA GLU B 210 39.87 10.14 51.52
C GLU B 210 40.90 9.14 52.02
N LYS B 211 40.95 7.95 51.41
CA LYS B 211 41.96 6.96 51.80
C LYS B 211 43.34 7.35 51.31
N PHE B 212 43.43 8.08 50.19
CA PHE B 212 44.72 8.58 49.73
C PHE B 212 45.12 9.84 50.46
N LYS B 213 44.15 10.60 50.97
CA LYS B 213 44.47 11.81 51.73
C LYS B 213 45.32 11.47 52.96
N ARG B 214 45.06 10.31 53.57
CA ARG B 214 45.86 9.85 54.71
C ARG B 214 47.00 8.95 54.29
N GLU B 215 46.83 8.20 53.19
CA GLU B 215 47.89 7.35 52.67
C GLU B 215 48.95 8.13 51.88
N GLY B 216 48.92 9.46 51.95
CA GLY B 216 49.92 10.29 51.31
C GLY B 216 50.10 10.03 49.82
N ASN B 217 49.07 9.48 49.17
CA ASN B 217 49.14 9.17 47.75
C ASN B 217 48.49 10.31 46.96
N GLU B 218 49.22 11.42 46.88
CA GLU B 218 48.68 12.61 46.22
C GLU B 218 48.58 12.42 44.71
N LYS B 219 49.51 11.69 44.11
CA LYS B 219 49.51 11.54 42.66
C LYS B 219 48.35 10.66 42.19
N GLU B 220 47.91 9.71 43.01
CA GLU B 220 46.75 8.91 42.63
C GLU B 220 45.47 9.71 42.69
N ILE B 221 45.40 10.71 43.59
CA ILE B 221 44.26 11.61 43.60
C ILE B 221 44.22 12.46 42.35
N GLN B 222 45.40 12.75 41.76
CA GLN B 222 45.44 13.53 40.53
C GLN B 222 44.97 12.71 39.34
N ARG B 223 45.28 11.41 39.33
CA ARG B 223 44.83 10.54 38.24
C ARG B 223 43.31 10.42 38.24
N ILE B 224 42.70 10.28 39.41
CA ILE B 224 41.24 10.25 39.49
C ILE B 224 40.66 11.59 39.03
N MET B 225 41.24 12.69 39.48
CA MET B 225 40.75 14.00 39.07
C MET B 225 40.88 14.20 37.57
N HIS B 226 41.97 13.73 36.98
CA HIS B 226 42.18 13.92 35.55
C HIS B 226 41.10 13.20 34.74
N ASN B 227 40.79 11.97 35.10
CA ASN B 227 39.75 11.22 34.40
C ASN B 227 38.42 11.94 34.51
N TYR B 228 38.14 12.55 35.68
CA TYR B 228 36.90 13.28 35.84
C TYR B 228 36.83 14.48 34.90
N ASP B 229 37.94 15.20 34.75
CA ASP B 229 37.98 16.30 33.79
C ASP B 229 37.76 15.79 32.37
N LYS B 230 38.38 14.66 32.04
CA LYS B 230 38.14 14.05 30.73
C LYS B 230 36.66 13.75 30.50
N LEU B 231 35.94 13.38 31.57
CA LEU B 231 34.53 13.04 31.44
C LEU B 231 33.67 14.29 31.37
N LYS B 232 33.93 15.27 32.24
CA LYS B 232 33.18 16.52 32.19
C LYS B 232 33.38 17.24 30.86
N SER B 233 34.57 17.13 30.27
CA SER B 233 34.82 17.76 28.98
C SER B 233 33.93 17.15 27.90
N ARG B 234 33.93 15.82 27.81
CA ARG B 234 33.09 15.15 26.82
C ARG B 234 31.63 15.53 26.99
N ILE B 235 31.14 15.56 28.23
CA ILE B 235 29.77 15.98 28.47
C ILE B 235 29.53 17.39 27.95
N SER B 236 30.47 18.29 28.23
CA SER B 236 30.34 19.65 27.73
C SER B 236 30.41 19.71 26.21
N GLU B 237 31.16 18.78 25.59
CA GLU B 237 31.21 18.72 24.13
C GLU B 237 29.92 18.14 23.57
N ILE B 238 29.44 17.04 24.15
CA ILE B 238 28.22 16.41 23.66
C ILE B 238 27.02 17.34 23.80
N ILE B 239 27.00 18.16 24.85
CA ILE B 239 25.92 19.12 25.01
C ILE B 239 25.95 20.15 23.89
N ASP B 240 27.14 20.62 23.52
CA ASP B 240 27.23 21.60 22.45
C ASP B 240 26.84 21.00 21.11
N SER B 241 27.11 19.72 20.89
CA SER B 241 26.66 19.07 19.66
C SER B 241 25.14 19.02 19.60
N ARG B 242 24.49 18.83 20.75
CA ARG B 242 23.04 18.90 20.80
C ARG B 242 22.56 20.33 20.60
N ARG B 243 23.31 21.30 21.14
CA ARG B 243 22.93 22.70 20.99
C ARG B 243 23.00 23.14 19.53
N ARG B 244 24.06 22.73 18.82
CA ARG B 244 24.17 23.09 17.41
C ARG B 244 23.12 22.38 16.58
N LEU B 245 22.79 21.13 16.92
CA LEU B 245 21.75 20.43 16.19
C LEU B 245 20.38 21.04 16.47
N GLU B 246 20.13 21.45 17.72
CA GLU B 246 18.89 22.14 18.03
C GLU B 246 18.78 23.46 17.30
N GLU B 247 19.92 24.16 17.12
CA GLU B 247 19.92 25.40 16.37
C GLU B 247 19.59 25.14 14.90
N ASP B 248 20.22 24.12 14.31
CA ASP B 248 19.89 23.74 12.93
C ASP B 248 18.42 23.36 12.82
N LEU B 249 17.87 22.71 13.86
CA LEU B 249 16.47 22.31 13.82
C LEU B 249 15.56 23.53 13.73
N LYS B 250 15.84 24.56 14.53
CA LYS B 250 15.07 25.80 14.44
C LYS B 250 15.12 26.38 13.03
N LYS B 251 16.32 26.43 12.44
CA LYS B 251 16.44 26.96 11.09
C LYS B 251 15.60 26.16 10.10
N GLN B 252 15.62 24.83 10.22
CA GLN B 252 14.87 24.00 9.28
C GLN B 252 13.38 23.99 9.58
N ALA B 253 13.01 24.11 10.87
CA ALA B 253 11.59 24.17 11.21
C ALA B 253 10.92 25.37 10.56
N ALA B 254 11.61 26.52 10.55
CA ALA B 254 11.05 27.71 9.91
C ALA B 254 11.02 27.56 8.40
N GLU B 255 12.13 27.09 7.82
CA GLU B 255 12.18 26.87 6.38
C GLU B 255 11.05 25.94 5.92
N TYR B 256 10.66 24.99 6.77
CA TYR B 256 9.51 24.15 6.44
C TYR B 256 8.23 24.96 6.44
N ARG B 257 8.06 25.85 7.42
CA ARG B 257 6.84 26.65 7.49
C ARG B 257 6.74 27.62 6.33
N GLU B 258 7.86 28.15 5.85
CA GLU B 258 7.82 29.01 4.67
C GLU B 258 7.47 28.22 3.42
N ILE B 259 7.94 26.97 3.33
CA ILE B 259 7.57 26.12 2.20
C ILE B 259 6.08 25.79 2.25
N ASP B 260 5.58 25.44 3.44
CA ASP B 260 4.16 25.15 3.57
C ASP B 260 3.30 26.33 3.13
N LYS B 261 3.69 27.54 3.54
CA LYS B 261 2.97 28.73 3.11
C LYS B 261 2.94 28.85 1.59
N ARG B 262 4.13 28.82 0.97
CA ARG B 262 4.19 28.95 -0.49
C ARG B 262 3.37 27.88 -1.19
N MET B 263 3.25 26.70 -0.59
CA MET B 263 2.45 25.64 -1.21
C MET B 263 0.96 25.90 -1.03
N ASN B 264 0.55 26.32 0.17
CA ASN B 264 -0.84 26.68 0.39
C ASN B 264 -1.25 27.94 -0.37
N SER B 265 -0.29 28.61 -1.01
CA SER B 265 -0.60 29.73 -1.90
C SER B 265 -0.62 29.34 -3.37
N ILE B 266 0.19 28.36 -3.76
CA ILE B 266 0.20 27.92 -5.16
C ILE B 266 -0.92 26.94 -5.45
N LYS B 267 -1.34 26.16 -4.45
CA LYS B 267 -2.40 25.18 -4.69
C LYS B 267 -3.71 25.82 -5.14
N PRO B 268 -4.24 26.83 -4.45
CA PRO B 268 -5.51 27.43 -4.91
C PRO B 268 -5.39 28.13 -6.24
N ASP B 269 -4.25 28.76 -6.53
CA ASP B 269 -4.08 29.41 -7.83
C ASP B 269 -3.89 28.38 -8.94
N LEU B 270 -3.16 27.31 -8.67
CA LEU B 270 -2.93 26.29 -9.68
C LEU B 270 -4.23 25.60 -10.08
N ILE B 271 -5.14 25.41 -9.11
CA ILE B 271 -6.39 24.72 -9.36
C ILE B 271 -7.20 25.44 -10.42
N GLN B 272 -7.67 26.65 -10.10
CA GLN B 272 -8.49 27.38 -11.05
C GLN B 272 -7.75 27.63 -12.36
N LEU B 273 -6.42 27.79 -12.31
CA LEU B 273 -5.65 27.89 -13.54
C LEU B 273 -5.85 26.67 -14.41
N ARG B 274 -5.85 25.47 -13.80
CA ARG B 274 -6.13 24.26 -14.55
C ARG B 274 -7.57 24.24 -15.06
N LYS B 275 -8.52 24.70 -14.23
CA LYS B 275 -9.91 24.74 -14.65
C LYS B 275 -10.10 25.70 -15.81
N THR B 276 -9.51 26.89 -15.73
CA THR B 276 -9.60 27.84 -16.82
C THR B 276 -9.02 27.25 -18.10
N ARG B 277 -7.91 26.54 -17.99
CA ARG B 277 -7.33 25.86 -19.15
C ARG B 277 -8.31 24.85 -19.73
N ASP B 278 -8.93 24.04 -18.86
CA ASP B 278 -9.86 23.02 -19.34
C ASP B 278 -11.07 23.65 -20.03
N GLN B 279 -11.57 24.76 -19.48
CA GLN B 279 -12.72 25.42 -20.09
C GLN B 279 -12.39 25.91 -21.50
N TYR B 280 -11.28 26.63 -21.64
CA TYR B 280 -10.84 27.06 -22.97
C TYR B 280 -10.72 25.88 -23.91
N LEU B 281 -10.24 24.74 -23.41
CA LEU B 281 -10.17 23.54 -24.22
C LEU B 281 -11.56 23.02 -24.56
N MET B 282 -12.47 23.04 -23.58
CA MET B 282 -13.85 22.65 -23.85
C MET B 282 -14.49 23.56 -24.88
N TRP B 283 -14.24 24.87 -24.78
CA TRP B 283 -14.78 25.81 -25.76
C TRP B 283 -14.25 25.51 -27.16
N LEU B 284 -13.00 25.07 -27.25
CA LEU B 284 -12.37 24.86 -28.55
C LEU B 284 -12.94 23.63 -29.25
N THR B 285 -13.19 22.56 -28.50
CA THR B 285 -13.71 21.33 -29.11
C THR B 285 -15.15 21.51 -29.58
N GLN B 286 -15.97 22.19 -28.77
CA GLN B 286 -17.37 22.39 -29.12
C GLN B 286 -17.50 23.27 -30.35
N LYS B 287 -16.81 24.43 -30.35
CA LYS B 287 -16.87 25.32 -31.50
C LYS B 287 -16.27 24.67 -32.75
N GLY B 288 -15.29 23.78 -32.58
CA GLY B 288 -14.71 23.09 -33.69
C GLY B 288 -15.57 21.94 -34.18
N VAL B 289 -15.19 21.41 -35.35
CA VAL B 289 -15.93 20.32 -35.95
C VAL B 289 -15.82 19.08 -35.06
N ARG B 290 -16.96 18.42 -34.82
CA ARG B 290 -17.01 17.22 -34.00
C ARG B 290 -17.56 16.06 -34.82
N GLN B 291 -17.31 14.85 -34.34
CA GLN B 291 -17.75 13.64 -35.02
C GLN B 291 -19.24 13.40 -34.81
#